data_7NB7
#
_entry.id   7NB7
#
_cell.length_a   89.281
_cell.length_b   166.106
_cell.length_c   44.874
_cell.angle_alpha   90.000
_cell.angle_beta   90.000
_cell.angle_gamma   90.000
#
_symmetry.space_group_name_H-M   'P 21 21 2'
#
loop_
_entity.id
_entity.type
_entity.pdbx_description
1 polymer 'Induced myeloid leukemia cell differentiation protein Mcl-1'
2 non-polymer '(2~{R})-2-[[7-but-2-ynyl-5-(3-chloranyl-2-methyl-phenyl)-6-ethyl-pyrrolo[2,3-d]pyrimidin-4-yl]amino]-3-phenyl-propanoic acid'
3 water water
#
_entity_poly.entity_id   1
_entity_poly.type   'polypeptide(L)'
_entity_poly.pdbx_seq_one_letter_code
;MHHHHHHLVPRGSEDELYRQSLEIISRYLREQATGAKDTKPMGRSGATSRKALETLRRVGDGVQRNHETAFQGMLRKLDI
KNEDDVKSLSRVMIHVFSDGVTNWGRIVTLISFGAFVAKHLKTINQESCIEPLAESITDVLVRTKRDWLVKQRGWDGFVE
FFHVEDLEGG
;
_entity_poly.pdbx_strand_id   A,B,C,D
#
loop_
_chem_comp.id
_chem_comp.type
_chem_comp.name
_chem_comp.formula
U6N non-polymer '(2~{R})-2-[[7-but-2-ynyl-5-(3-chloranyl-2-methyl-phenyl)-6-ethyl-pyrrolo[2,3-d]pyrimidin-4-yl]amino]-3-phenyl-propanoic acid' 'C28 H27 Cl N4 O2'
#
# COMPACT_ATOMS: atom_id res chain seq x y z
N SER A 13 -9.07 -5.98 -18.66
CA SER A 13 -9.68 -6.01 -17.31
C SER A 13 -9.50 -7.42 -16.70
N GLU A 14 -10.59 -8.02 -16.19
CA GLU A 14 -10.58 -9.30 -15.43
C GLU A 14 -9.73 -9.11 -14.17
N ASP A 15 -10.13 -8.11 -13.38
CA ASP A 15 -9.71 -7.90 -11.97
C ASP A 15 -10.99 -7.91 -11.14
N GLU A 16 -11.37 -9.09 -10.63
CA GLU A 16 -12.70 -9.28 -10.02
C GLU A 16 -12.81 -8.34 -8.81
N LEU A 17 -11.77 -8.33 -7.98
CA LEU A 17 -11.75 -7.55 -6.72
C LEU A 17 -11.95 -6.08 -7.05
N TYR A 18 -11.27 -5.53 -8.07
CA TYR A 18 -11.38 -4.09 -8.44
C TYR A 18 -12.79 -3.82 -8.94
N ARG A 19 -13.33 -4.71 -9.78
CA ARG A 19 -14.68 -4.56 -10.41
C ARG A 19 -15.74 -4.57 -9.32
N GLN A 20 -15.65 -5.52 -8.38
CA GLN A 20 -16.65 -5.70 -7.30
C GLN A 20 -16.63 -4.47 -6.41
N SER A 21 -15.43 -4.00 -6.05
CA SER A 21 -15.20 -2.84 -5.16
C SER A 21 -15.78 -1.57 -5.80
N LEU A 22 -15.46 -1.32 -7.07
CA LEU A 22 -15.92 -0.11 -7.80
C LEU A 22 -17.43 -0.08 -7.81
N GLU A 23 -18.06 -1.22 -8.00
CA GLU A 23 -19.52 -1.32 -8.11
C GLU A 23 -20.14 -0.90 -6.78
N ILE A 24 -19.75 -1.56 -5.70
CA ILE A 24 -20.30 -1.34 -4.34
C ILE A 24 -20.10 0.11 -3.94
N ILE A 25 -18.93 0.66 -4.21
CA ILE A 25 -18.56 2.06 -3.79
C ILE A 25 -19.37 3.04 -4.64
N SER A 26 -19.52 2.81 -5.94
CA SER A 26 -20.31 3.70 -6.83
C SER A 26 -21.77 3.67 -6.42
N ARG A 27 -22.31 2.51 -6.10
CA ARG A 27 -23.74 2.40 -5.72
C ARG A 27 -23.93 3.26 -4.49
N TYR A 28 -23.12 3.04 -3.44
CA TYR A 28 -23.23 3.77 -2.16
C TYR A 28 -23.11 5.28 -2.41
N LEU A 29 -22.05 5.71 -3.10
CA LEU A 29 -21.79 7.16 -3.30
C LEU A 29 -22.91 7.78 -4.14
N ARG A 30 -23.38 7.09 -5.19
CA ARG A 30 -24.40 7.63 -6.13
C ARG A 30 -25.74 7.74 -5.37
N GLU A 31 -26.10 6.74 -4.56
CA GLU A 31 -27.43 6.72 -3.89
C GLU A 31 -27.41 7.67 -2.69
N GLN A 32 -26.26 7.85 -2.03
CA GLN A 32 -26.15 8.84 -0.94
C GLN A 32 -26.37 10.24 -1.54
N ALA A 33 -25.77 10.52 -2.69
CA ALA A 33 -25.82 11.84 -3.37
C ALA A 33 -27.26 12.19 -3.78
N THR A 34 -28.02 11.22 -4.30
CA THR A 34 -29.30 11.46 -5.04
C THR A 34 -30.53 10.98 -4.26
N GLY A 35 -30.38 9.97 -3.40
CA GLY A 35 -31.49 9.45 -2.59
C GLY A 35 -32.06 8.18 -3.20
N ALA A 36 -31.87 7.95 -4.50
CA ALA A 36 -32.49 6.83 -5.25
C ALA A 36 -31.62 5.59 -5.06
N LYS A 37 -32.21 4.43 -4.75
CA LYS A 37 -31.54 3.11 -4.79
C LYS A 37 -31.51 2.70 -6.26
N ASP A 38 -30.33 2.55 -6.86
CA ASP A 38 -30.20 2.18 -8.30
C ASP A 38 -30.60 0.72 -8.45
N THR A 39 -31.54 0.47 -9.36
CA THR A 39 -32.16 -0.84 -9.64
C THR A 39 -31.58 -1.27 -10.98
N LYS A 40 -30.51 -2.04 -10.95
CA LYS A 40 -29.82 -2.57 -12.15
C LYS A 40 -29.00 -3.72 -11.59
N PRO A 41 -29.28 -4.97 -12.00
CA PRO A 41 -28.73 -6.20 -11.45
C PRO A 41 -27.78 -6.11 -10.27
N MET A 42 -26.47 -6.23 -10.51
CA MET A 42 -25.38 -6.06 -9.52
C MET A 42 -24.08 -6.36 -10.26
N GLY A 43 -23.94 -7.58 -10.76
CA GLY A 43 -22.73 -8.08 -11.44
C GLY A 43 -22.42 -9.48 -10.98
N ARG A 44 -21.15 -9.87 -11.03
CA ARG A 44 -20.71 -11.21 -10.54
C ARG A 44 -20.73 -11.15 -9.00
N SER A 45 -21.04 -12.27 -8.35
CA SER A 45 -21.13 -12.38 -6.87
C SER A 45 -22.11 -11.31 -6.35
N GLY A 46 -23.28 -11.19 -6.98
CA GLY A 46 -24.27 -10.12 -6.74
C GLY A 46 -24.89 -10.17 -5.35
N ALA A 47 -24.93 -11.33 -4.71
CA ALA A 47 -25.50 -11.47 -3.35
C ALA A 47 -24.46 -11.03 -2.34
N THR A 48 -23.18 -10.98 -2.72
CA THR A 48 -22.05 -10.59 -1.84
C THR A 48 -21.86 -9.09 -2.01
N SER A 49 -22.34 -8.50 -3.10
CA SER A 49 -22.25 -7.05 -3.38
C SER A 49 -23.53 -6.36 -2.90
N ARG A 50 -24.62 -7.12 -2.76
CA ARG A 50 -25.91 -6.58 -2.25
C ARG A 50 -25.89 -6.65 -0.73
N LYS A 51 -25.19 -7.61 -0.13
CA LYS A 51 -25.11 -7.72 1.34
C LYS A 51 -24.02 -6.73 1.79
N ALA A 52 -23.03 -6.51 0.94
CA ALA A 52 -21.95 -5.56 1.24
C ALA A 52 -22.56 -4.17 1.24
N LEU A 53 -23.36 -3.86 0.23
CA LEU A 53 -24.00 -2.54 0.09
C LEU A 53 -24.95 -2.31 1.28
N GLU A 54 -25.76 -3.30 1.65
CA GLU A 54 -26.70 -3.26 2.81
C GLU A 54 -25.91 -2.86 4.05
N THR A 55 -24.80 -3.58 4.30
CA THR A 55 -23.89 -3.37 5.45
C THR A 55 -23.36 -1.93 5.40
N LEU A 56 -22.86 -1.54 4.23
CA LEU A 56 -22.22 -0.23 4.02
C LEU A 56 -23.22 0.88 4.36
N ARG A 57 -24.47 0.75 3.91
CA ARG A 57 -25.60 1.68 4.25
C ARG A 57 -25.72 1.82 5.76
N ARG A 58 -25.90 0.71 6.48
CA ARG A 58 -26.00 0.68 7.97
C ARG A 58 -24.82 1.44 8.57
N VAL A 59 -23.61 0.92 8.34
CA VAL A 59 -22.38 1.33 9.08
C VAL A 59 -21.90 2.68 8.56
N GLY A 60 -21.97 2.89 7.24
CA GLY A 60 -21.52 4.13 6.60
C GLY A 60 -22.37 5.33 6.99
N ASP A 61 -23.69 5.16 7.01
CA ASP A 61 -24.64 6.22 7.44
C ASP A 61 -24.36 6.52 8.91
N GLY A 62 -24.09 5.48 9.70
CA GLY A 62 -23.73 5.60 11.11
C GLY A 62 -22.51 6.51 11.32
N VAL A 63 -21.46 6.33 10.52
CA VAL A 63 -20.18 7.06 10.66
C VAL A 63 -20.41 8.53 10.29
N GLN A 64 -21.17 8.79 9.23
CA GLN A 64 -21.43 10.18 8.76
C GLN A 64 -22.25 10.91 9.84
N ARG A 65 -23.14 10.19 10.49
CA ARG A 65 -24.08 10.73 11.49
C ARG A 65 -23.30 11.02 12.78
N ASN A 66 -22.58 10.02 13.27
CA ASN A 66 -21.82 10.09 14.55
C ASN A 66 -20.68 11.12 14.44
N HIS A 67 -20.01 11.23 13.29
CA HIS A 67 -18.83 12.13 13.13
C HIS A 67 -19.13 13.20 12.08
N GLU A 68 -20.36 13.72 12.10
CA GLU A 68 -20.82 14.73 11.13
C GLU A 68 -19.91 15.95 11.20
N THR A 69 -19.63 16.41 12.40
CA THR A 69 -18.92 17.69 12.62
C THR A 69 -17.51 17.55 12.06
N ALA A 70 -16.88 16.40 12.31
CA ALA A 70 -15.50 16.07 11.89
C ALA A 70 -15.46 16.06 10.37
N PHE A 71 -16.44 15.37 9.76
CA PHE A 71 -16.57 15.23 8.29
C PHE A 71 -16.75 16.60 7.67
N GLN A 72 -17.61 17.46 8.27
CA GLN A 72 -17.85 18.83 7.77
C GLN A 72 -16.54 19.62 7.80
N GLY A 73 -15.78 19.51 8.87
CA GLY A 73 -14.51 20.26 9.04
C GLY A 73 -13.47 19.82 8.04
N MET A 74 -13.44 18.52 7.71
CA MET A 74 -12.48 17.93 6.74
C MET A 74 -12.87 18.39 5.35
N LEU A 75 -14.16 18.36 5.04
CA LEU A 75 -14.70 18.78 3.71
C LEU A 75 -14.30 20.24 3.47
N ARG A 76 -14.57 21.08 4.46
CA ARG A 76 -14.26 22.54 4.47
C ARG A 76 -12.77 22.74 4.19
N LYS A 77 -11.89 22.00 4.85
CA LYS A 77 -10.41 22.07 4.68
C LYS A 77 -10.01 21.74 3.24
N LEU A 78 -10.60 20.70 2.65
CA LEU A 78 -10.23 20.21 1.30
C LEU A 78 -10.71 21.20 0.23
N ASP A 79 -11.82 21.91 0.49
CA ASP A 79 -12.34 23.02 -0.36
C ASP A 79 -12.55 22.49 -1.79
N ILE A 80 -13.46 21.52 -1.93
CA ILE A 80 -13.71 20.76 -3.19
C ILE A 80 -14.76 21.51 -4.03
N LYS A 81 -14.43 21.85 -5.29
CA LYS A 81 -15.29 22.69 -6.17
C LYS A 81 -15.40 22.15 -7.61
N ASN A 82 -14.49 21.30 -8.09
CA ASN A 82 -14.45 20.85 -9.50
C ASN A 82 -13.73 19.49 -9.60
N GLU A 83 -13.60 18.97 -10.83
CA GLU A 83 -12.93 17.69 -11.14
C GLU A 83 -11.44 17.79 -10.77
N ASP A 84 -10.88 19.00 -10.79
CA ASP A 84 -9.44 19.26 -10.47
C ASP A 84 -9.18 18.96 -9.00
N ASP A 85 -10.13 19.31 -8.12
CA ASP A 85 -10.03 19.11 -6.64
C ASP A 85 -10.26 17.63 -6.30
N VAL A 86 -11.11 16.93 -7.07
CA VAL A 86 -11.41 15.50 -6.86
C VAL A 86 -10.21 14.65 -7.32
N LYS A 87 -9.54 15.12 -8.38
CA LYS A 87 -8.37 14.39 -8.94
C LYS A 87 -7.26 14.48 -7.91
N SER A 88 -7.14 15.64 -7.25
CA SER A 88 -6.09 15.95 -6.25
C SER A 88 -6.37 15.14 -4.98
N LEU A 89 -7.65 15.09 -4.60
CA LEU A 89 -8.13 14.38 -3.38
C LEU A 89 -7.51 12.97 -3.29
N SER A 90 -7.18 12.41 -4.45
CA SER A 90 -6.52 11.09 -4.60
C SER A 90 -5.17 11.05 -3.87
N ARG A 91 -4.32 12.07 -4.05
CA ARG A 91 -3.00 12.16 -3.35
C ARG A 91 -3.26 12.26 -1.84
N VAL A 92 -4.39 12.83 -1.45
CA VAL A 92 -4.80 13.03 -0.03
C VAL A 92 -5.21 11.68 0.56
N MET A 93 -5.92 10.84 -0.20
CA MET A 93 -6.35 9.52 0.30
C MET A 93 -5.15 8.60 0.49
N ILE A 94 -4.14 8.72 -0.36
CA ILE A 94 -2.92 7.88 -0.26
C ILE A 94 -2.18 8.25 1.03
N HIS A 95 -2.06 9.54 1.30
CA HIS A 95 -1.33 10.04 2.51
C HIS A 95 -2.09 9.64 3.77
N VAL A 96 -3.42 9.71 3.78
CA VAL A 96 -4.21 9.56 5.04
C VAL A 96 -4.62 8.09 5.20
N PHE A 97 -5.19 7.47 4.18
CA PHE A 97 -5.79 6.13 4.27
C PHE A 97 -4.71 5.06 4.12
N SER A 98 -3.85 5.19 3.11
CA SER A 98 -2.85 4.14 2.80
C SER A 98 -1.77 4.19 3.89
N ASP A 99 -1.35 5.40 4.29
CA ASP A 99 -0.26 5.56 5.29
C ASP A 99 -0.86 5.48 6.69
N GLY A 100 -1.58 4.41 6.95
CA GLY A 100 -2.19 4.14 8.27
C GLY A 100 -2.26 2.65 8.52
N VAL A 101 -2.89 2.24 9.62
CA VAL A 101 -3.19 0.81 9.93
C VAL A 101 -4.31 0.36 8.99
N THR A 102 -4.36 -0.93 8.65
CA THR A 102 -5.39 -1.46 7.72
C THR A 102 -6.39 -2.29 8.51
N ASN A 103 -7.66 -1.92 8.39
CA ASN A 103 -8.80 -2.61 9.03
C ASN A 103 -10.07 -2.08 8.37
N TRP A 104 -11.14 -2.84 8.52
CA TRP A 104 -12.47 -2.52 7.94
C TRP A 104 -13.00 -1.20 8.52
N GLY A 105 -12.59 -0.88 9.75
CA GLY A 105 -12.95 0.38 10.41
C GLY A 105 -12.54 1.57 9.57
N ARG A 106 -11.29 1.59 9.12
CA ARG A 106 -10.72 2.73 8.35
C ARG A 106 -11.21 2.64 6.91
N ILE A 107 -11.53 1.44 6.43
CA ILE A 107 -12.02 1.24 5.04
C ILE A 107 -13.42 1.83 4.95
N VAL A 108 -14.22 1.68 6.00
CA VAL A 108 -15.62 2.23 6.07
C VAL A 108 -15.54 3.75 6.16
N THR A 109 -14.62 4.29 6.96
CA THR A 109 -14.44 5.74 7.16
C THR A 109 -14.06 6.39 5.83
N LEU A 110 -13.22 5.72 5.05
CA LEU A 110 -12.76 6.19 3.72
C LEU A 110 -13.97 6.23 2.78
N ILE A 111 -14.78 5.18 2.77
CA ILE A 111 -15.93 5.10 1.81
C ILE A 111 -17.04 6.01 2.33
N SER A 112 -17.23 6.11 3.65
CA SER A 112 -18.23 6.99 4.32
C SER A 112 -17.91 8.47 4.06
N PHE A 113 -16.64 8.86 4.14
CA PHE A 113 -16.24 10.25 3.89
C PHE A 113 -16.40 10.52 2.40
N GLY A 114 -16.16 9.52 1.57
CA GLY A 114 -16.37 9.61 0.12
C GLY A 114 -17.81 9.87 -0.21
N ALA A 115 -18.74 9.25 0.53
CA ALA A 115 -20.20 9.41 0.38
C ALA A 115 -20.59 10.81 0.82
N PHE A 116 -20.01 11.26 1.93
CA PHE A 116 -20.18 12.63 2.46
C PHE A 116 -19.74 13.62 1.38
N VAL A 117 -18.61 13.38 0.74
CA VAL A 117 -18.06 14.27 -0.32
C VAL A 117 -19.00 14.19 -1.54
N ALA A 118 -19.52 13.03 -1.86
CA ALA A 118 -20.44 12.83 -3.01
C ALA A 118 -21.73 13.62 -2.78
N LYS A 119 -22.25 13.65 -1.55
CA LYS A 119 -23.44 14.46 -1.20
C LYS A 119 -23.12 15.92 -1.52
N HIS A 120 -21.94 16.39 -1.12
CA HIS A 120 -21.50 17.80 -1.29
C HIS A 120 -21.38 18.09 -2.78
N LEU A 121 -20.87 17.15 -3.58
CA LEU A 121 -20.75 17.32 -5.05
C LEU A 121 -22.14 17.55 -5.65
N LYS A 122 -23.16 16.82 -5.21
CA LYS A 122 -24.56 17.00 -5.67
C LYS A 122 -25.02 18.40 -5.30
N THR A 123 -24.85 18.83 -4.05
CA THR A 123 -25.43 20.13 -3.57
C THR A 123 -24.74 21.30 -4.29
N ILE A 124 -23.45 21.19 -4.64
CA ILE A 124 -22.70 22.26 -5.36
C ILE A 124 -22.83 22.03 -6.86
N ASN A 125 -23.71 21.12 -7.25
CA ASN A 125 -24.15 20.94 -8.65
C ASN A 125 -22.92 20.60 -9.51
N GLN A 126 -22.22 19.52 -9.12
CA GLN A 126 -20.99 18.95 -9.75
C GLN A 126 -21.08 17.42 -9.73
N GLU A 127 -22.27 16.88 -10.01
CA GLU A 127 -22.64 15.46 -9.76
C GLU A 127 -21.96 14.53 -10.77
N SER A 128 -21.39 15.06 -11.84
CA SER A 128 -20.61 14.27 -12.83
C SER A 128 -19.26 13.84 -12.22
N CYS A 129 -18.84 14.48 -11.12
CA CYS A 129 -17.56 14.20 -10.41
C CYS A 129 -17.72 13.04 -9.44
N ILE A 130 -18.94 12.58 -9.19
CA ILE A 130 -19.21 11.46 -8.23
C ILE A 130 -18.56 10.19 -8.75
N GLU A 131 -18.83 9.81 -9.99
CA GLU A 131 -18.35 8.50 -10.55
C GLU A 131 -16.81 8.50 -10.53
N PRO A 132 -16.12 9.57 -10.97
CA PRO A 132 -14.67 9.68 -10.81
C PRO A 132 -14.14 9.62 -9.37
N LEU A 133 -14.88 10.21 -8.41
CA LEU A 133 -14.55 10.15 -6.96
C LEU A 133 -14.52 8.68 -6.55
N ALA A 134 -15.57 7.96 -6.92
CA ALA A 134 -15.76 6.53 -6.60
C ALA A 134 -14.59 5.72 -7.18
N GLU A 135 -14.12 6.07 -8.39
CA GLU A 135 -13.01 5.37 -9.09
C GLU A 135 -11.70 5.63 -8.34
N SER A 136 -11.49 6.88 -7.94
CA SER A 136 -10.31 7.36 -7.17
C SER A 136 -10.22 6.60 -5.85
N ILE A 137 -11.34 6.48 -5.15
CA ILE A 137 -11.43 5.80 -3.83
C ILE A 137 -11.12 4.32 -4.03
N THR A 138 -11.71 3.71 -5.06
CA THR A 138 -11.54 2.27 -5.36
C THR A 138 -10.10 2.02 -5.77
N ASP A 139 -9.51 2.97 -6.48
CA ASP A 139 -8.09 2.85 -6.93
C ASP A 139 -7.21 2.77 -5.68
N VAL A 140 -7.30 3.78 -4.82
CA VAL A 140 -6.48 3.86 -3.59
C VAL A 140 -6.75 2.60 -2.77
N LEU A 141 -8.00 2.18 -2.62
CA LEU A 141 -8.37 1.06 -1.71
C LEU A 141 -7.76 -0.23 -2.29
N VAL A 142 -8.12 -0.58 -3.52
CA VAL A 142 -7.78 -1.91 -4.10
C VAL A 142 -6.28 -1.96 -4.42
N ARG A 143 -5.70 -0.90 -4.96
CA ARG A 143 -4.30 -1.03 -5.43
C ARG A 143 -3.35 -0.37 -4.41
N THR A 144 -3.71 -0.28 -3.12
CA THR A 144 -2.73 -0.13 -2.02
C THR A 144 -2.97 -1.20 -0.94
N LYS A 145 -4.16 -1.78 -0.83
CA LYS A 145 -4.48 -2.75 0.25
C LYS A 145 -4.89 -4.11 -0.32
N ARG A 146 -4.53 -4.38 -1.57
CA ARG A 146 -4.88 -5.63 -2.29
C ARG A 146 -4.52 -6.86 -1.46
N ASP A 147 -3.30 -6.92 -0.93
CA ASP A 147 -2.77 -8.09 -0.18
C ASP A 147 -3.67 -8.37 1.03
N TRP A 148 -3.97 -7.31 1.79
CA TRP A 148 -4.81 -7.36 3.02
C TRP A 148 -6.23 -7.76 2.62
N LEU A 149 -6.78 -7.14 1.58
CA LEU A 149 -8.17 -7.39 1.12
C LEU A 149 -8.32 -8.86 0.75
N VAL A 150 -7.34 -9.43 0.04
CA VAL A 150 -7.37 -10.85 -0.41
C VAL A 150 -7.35 -11.74 0.84
N LYS A 151 -6.44 -11.47 1.79
CA LYS A 151 -6.27 -12.26 3.04
C LYS A 151 -7.59 -12.26 3.82
N GLN A 152 -8.35 -11.18 3.78
CA GLN A 152 -9.62 -11.04 4.55
C GLN A 152 -10.80 -11.62 3.78
N ARG A 153 -10.58 -12.14 2.57
CA ARG A 153 -11.62 -12.70 1.67
C ARG A 153 -12.49 -11.57 1.11
N GLY A 154 -11.87 -10.42 0.82
CA GLY A 154 -12.52 -9.24 0.20
C GLY A 154 -13.86 -8.93 0.84
N TRP A 155 -14.91 -8.76 0.05
CA TRP A 155 -16.21 -8.22 0.54
C TRP A 155 -16.99 -9.29 1.29
N ASP A 156 -16.64 -10.58 1.13
CA ASP A 156 -17.18 -11.65 2.00
C ASP A 156 -16.67 -11.43 3.43
N GLY A 157 -15.40 -11.04 3.55
CA GLY A 157 -14.74 -10.75 4.85
C GLY A 157 -15.40 -9.57 5.54
N PHE A 158 -15.71 -8.53 4.76
CA PHE A 158 -16.31 -7.25 5.20
C PHE A 158 -17.71 -7.53 5.77
N VAL A 159 -18.51 -8.29 5.05
CA VAL A 159 -19.92 -8.60 5.43
C VAL A 159 -19.88 -9.44 6.71
N GLU A 160 -18.93 -10.38 6.79
CA GLU A 160 -18.71 -11.26 7.97
C GLU A 160 -18.32 -10.42 9.18
N PHE A 161 -17.42 -9.43 8.95
CA PHE A 161 -16.87 -8.59 10.03
C PHE A 161 -18.00 -7.76 10.67
N PHE A 162 -18.94 -7.27 9.87
CA PHE A 162 -20.15 -6.53 10.34
C PHE A 162 -21.31 -7.53 10.30
N HIS A 163 -21.19 -8.56 11.14
CA HIS A 163 -22.13 -9.71 11.35
C HIS A 163 -23.58 -9.23 11.48
N SER B 13 6.74 17.49 10.01
CA SER B 13 7.70 16.39 9.73
C SER B 13 7.82 15.46 10.95
N GLU B 14 9.04 15.09 11.35
CA GLU B 14 9.34 14.03 12.35
C GLU B 14 8.78 12.70 11.84
N ASP B 15 9.17 12.35 10.61
CA ASP B 15 8.95 11.04 9.95
C ASP B 15 10.32 10.72 9.34
N GLU B 16 11.19 10.02 10.09
CA GLU B 16 12.61 9.86 9.70
C GLU B 16 12.63 9.08 8.39
N LEU B 17 11.85 8.00 8.29
CA LEU B 17 11.81 7.13 7.09
C LEU B 17 11.45 7.95 5.85
N TYR B 18 10.46 8.84 5.94
CA TYR B 18 10.05 9.66 4.77
C TYR B 18 11.15 10.66 4.42
N ARG B 19 11.76 11.27 5.44
CA ARG B 19 12.85 12.28 5.28
C ARG B 19 14.06 11.62 4.64
N GLN B 20 14.48 10.45 5.14
CA GLN B 20 15.66 9.70 4.66
C GLN B 20 15.42 9.32 3.20
N SER B 21 14.22 8.80 2.88
CA SER B 21 13.83 8.33 1.54
C SER B 21 13.88 9.49 0.55
N LEU B 22 13.27 10.62 0.91
CA LEU B 22 13.19 11.79 0.00
C LEU B 22 14.61 12.27 -0.31
N GLU B 23 15.49 12.27 0.68
CA GLU B 23 16.88 12.78 0.53
C GLU B 23 17.60 11.89 -0.49
N ILE B 24 17.58 10.58 -0.27
CA ILE B 24 18.25 9.56 -1.11
C ILE B 24 17.76 9.70 -2.55
N ILE B 25 16.44 9.75 -2.73
CA ILE B 25 15.79 9.68 -4.07
C ILE B 25 16.02 11.00 -4.80
N SER B 26 15.91 12.14 -4.12
CA SER B 26 16.13 13.47 -4.77
C SER B 26 17.59 13.59 -5.18
N ARG B 27 18.50 13.12 -4.33
CA ARG B 27 19.95 13.20 -4.67
C ARG B 27 20.17 12.41 -5.95
N TYR B 28 19.76 11.13 -5.98
CA TYR B 28 19.94 10.24 -7.15
C TYR B 28 19.32 10.88 -8.39
N LEU B 29 18.05 11.29 -8.32
CA LEU B 29 17.35 11.83 -9.50
C LEU B 29 18.03 13.12 -9.97
N ARG B 30 18.44 14.00 -9.06
CA ARG B 30 19.05 15.31 -9.42
C ARG B 30 20.42 15.07 -10.06
N GLU B 31 21.22 14.13 -9.53
CA GLU B 31 22.61 13.91 -10.04
C GLU B 31 22.53 13.11 -11.34
N GLN B 32 21.54 12.23 -11.51
CA GLN B 32 21.34 11.53 -12.81
C GLN B 32 21.01 12.55 -13.89
N ALA B 33 20.13 13.50 -13.59
CA ALA B 33 19.62 14.50 -14.53
C ALA B 33 20.75 15.41 -15.02
N THR B 34 21.68 15.78 -14.13
CA THR B 34 22.69 16.85 -14.38
C THR B 34 24.11 16.30 -14.51
N GLY B 35 24.44 15.18 -13.88
CA GLY B 35 25.80 14.60 -13.89
C GLY B 35 26.58 14.96 -12.63
N ALA B 36 26.13 15.98 -11.90
CA ALA B 36 26.83 16.61 -10.74
C ALA B 36 26.33 16.02 -9.41
N LYS B 37 27.28 15.49 -8.62
CA LYS B 37 27.01 14.86 -7.30
C LYS B 37 26.95 15.98 -6.26
N ASP B 38 25.74 16.31 -5.78
CA ASP B 38 25.48 17.45 -4.87
C ASP B 38 26.07 17.12 -3.49
N THR B 39 26.73 18.13 -2.91
CA THR B 39 27.40 18.05 -1.58
C THR B 39 26.50 18.66 -0.50
N LYS B 40 26.19 17.88 0.53
CA LYS B 40 25.49 18.35 1.74
C LYS B 40 25.74 17.34 2.86
N PRO B 41 25.50 17.70 4.14
CA PRO B 41 25.79 16.82 5.27
C PRO B 41 24.93 15.54 5.41
N MET B 42 23.94 15.38 4.54
CA MET B 42 23.10 14.16 4.42
C MET B 42 22.24 13.99 5.69
N GLY B 43 21.87 15.08 6.37
CA GLY B 43 20.97 15.09 7.53
C GLY B 43 21.32 14.03 8.57
N ARG B 44 20.29 13.48 9.21
CA ARG B 44 20.43 12.44 10.27
C ARG B 44 20.66 11.10 9.57
N SER B 45 21.32 10.15 10.25
CA SER B 45 21.58 8.78 9.76
C SER B 45 22.30 8.86 8.41
N GLY B 46 23.33 9.70 8.34
CA GLY B 46 24.05 10.05 7.10
C GLY B 46 24.88 8.90 6.57
N ALA B 47 25.44 8.09 7.46
CA ALA B 47 26.32 6.96 7.09
C ALA B 47 25.51 6.02 6.19
N THR B 48 24.29 5.71 6.62
CA THR B 48 23.35 4.80 5.91
C THR B 48 22.86 5.43 4.61
N SER B 49 22.50 6.72 4.62
CA SER B 49 21.98 7.39 3.39
C SER B 49 23.10 7.46 2.34
N ARG B 50 24.35 7.65 2.77
CA ARG B 50 25.56 7.68 1.90
C ARG B 50 25.72 6.32 1.21
N LYS B 51 25.67 5.25 1.99
CA LYS B 51 25.85 3.87 1.49
C LYS B 51 24.66 3.49 0.59
N ALA B 52 23.46 3.95 0.94
CA ALA B 52 22.23 3.68 0.17
C ALA B 52 22.36 4.33 -1.19
N LEU B 53 22.80 5.59 -1.22
CA LEU B 53 22.97 6.33 -2.49
C LEU B 53 24.04 5.64 -3.35
N GLU B 54 25.16 5.23 -2.75
CA GLU B 54 26.28 4.51 -3.45
C GLU B 54 25.69 3.27 -4.11
N THR B 55 24.93 2.48 -3.33
CA THR B 55 24.25 1.24 -3.79
C THR B 55 23.32 1.59 -4.96
N LEU B 56 22.49 2.62 -4.77
CA LEU B 56 21.45 3.02 -5.75
C LEU B 56 22.14 3.37 -7.07
N ARG B 57 23.26 4.09 -7.03
CA ARG B 57 24.11 4.42 -8.21
C ARG B 57 24.48 3.13 -8.94
N ARG B 58 25.13 2.18 -8.24
CA ARG B 58 25.52 0.87 -8.80
C ARG B 58 24.31 0.22 -9.49
N VAL B 59 23.28 -0.10 -8.70
CA VAL B 59 22.17 -1.00 -9.14
C VAL B 59 21.22 -0.23 -10.06
N GLY B 60 20.95 1.04 -9.75
CA GLY B 60 20.04 1.89 -10.55
C GLY B 60 20.58 2.16 -11.94
N ASP B 61 21.88 2.49 -12.05
CA ASP B 61 22.56 2.72 -13.35
C ASP B 61 22.52 1.41 -14.13
N GLY B 62 22.72 0.29 -13.43
CA GLY B 62 22.62 -1.07 -14.01
C GLY B 62 21.28 -1.31 -14.69
N VAL B 63 20.19 -0.95 -14.03
CA VAL B 63 18.81 -1.24 -14.51
C VAL B 63 18.53 -0.37 -15.74
N GLN B 64 18.96 0.90 -15.71
CA GLN B 64 18.70 1.84 -16.83
C GLN B 64 19.48 1.36 -18.05
N ARG B 65 20.67 0.80 -17.82
CA ARG B 65 21.59 0.34 -18.89
C ARG B 65 21.03 -0.94 -19.51
N ASN B 66 20.72 -1.91 -18.65
CA ASN B 66 20.25 -3.25 -19.07
C ASN B 66 18.88 -3.16 -19.76
N HIS B 67 17.99 -2.28 -19.29
CA HIS B 67 16.61 -2.21 -19.82
C HIS B 67 16.37 -0.85 -20.43
N GLU B 68 17.38 -0.29 -21.11
CA GLU B 68 17.32 1.06 -21.72
C GLU B 68 16.14 1.09 -22.70
N THR B 69 16.05 0.09 -23.56
CA THR B 69 15.08 0.11 -24.68
C THR B 69 13.67 0.05 -24.10
N ALA B 70 13.48 -0.77 -23.06
CA ALA B 70 12.19 -0.94 -22.34
C ALA B 70 11.78 0.38 -21.69
N PHE B 71 12.73 1.02 -21.00
CA PHE B 71 12.55 2.32 -20.31
C PHE B 71 12.19 3.38 -21.35
N GLN B 72 12.87 3.40 -22.50
CA GLN B 72 12.58 4.36 -23.59
C GLN B 72 11.15 4.17 -24.08
N GLY B 73 10.72 2.91 -24.25
CA GLY B 73 9.36 2.59 -24.73
C GLY B 73 8.30 3.06 -23.75
N MET B 74 8.57 2.94 -22.44
CA MET B 74 7.65 3.35 -21.36
C MET B 74 7.58 4.87 -21.33
N LEU B 75 8.73 5.54 -21.44
CA LEU B 75 8.81 7.01 -21.42
C LEU B 75 7.96 7.58 -22.55
N ARG B 76 8.16 7.03 -23.76
CA ARG B 76 7.44 7.41 -25.00
C ARG B 76 5.93 7.29 -24.75
N LYS B 77 5.48 6.16 -24.18
CA LYS B 77 4.05 5.87 -23.89
C LYS B 77 3.47 6.92 -22.93
N LEU B 78 4.21 7.29 -21.88
CA LEU B 78 3.72 8.21 -20.83
C LEU B 78 3.61 9.63 -21.38
N ASP B 79 4.45 10.00 -22.34
CA ASP B 79 4.37 11.29 -23.08
C ASP B 79 4.38 12.45 -22.07
N ILE B 80 5.49 12.57 -21.34
CA ILE B 80 5.66 13.54 -20.22
C ILE B 80 6.21 14.85 -20.78
N LYS B 81 5.50 15.97 -20.56
CA LYS B 81 5.88 17.33 -21.05
C LYS B 81 5.75 18.43 -20.00
N ASN B 82 5.02 18.25 -18.89
CA ASN B 82 4.82 19.35 -17.89
C ASN B 82 4.53 18.78 -16.50
N GLU B 83 4.35 19.65 -15.51
CA GLU B 83 4.04 19.30 -14.09
C GLU B 83 2.68 18.60 -14.03
N ASP B 84 1.78 18.83 -15.01
CA ASP B 84 0.45 18.17 -15.10
C ASP B 84 0.65 16.67 -15.38
N ASP B 85 1.65 16.34 -16.21
CA ASP B 85 2.04 14.96 -16.59
C ASP B 85 2.74 14.24 -15.42
N VAL B 86 3.49 14.97 -14.58
CA VAL B 86 4.20 14.41 -13.39
C VAL B 86 3.19 14.12 -12.29
N LYS B 87 2.11 14.91 -12.21
CA LYS B 87 1.05 14.70 -11.20
C LYS B 87 0.33 13.40 -11.58
N SER B 88 0.11 13.22 -12.89
CA SER B 88 -0.61 12.05 -13.47
C SER B 88 0.28 10.80 -13.36
N LEU B 89 1.60 10.96 -13.44
CA LEU B 89 2.59 9.88 -13.34
C LEU B 89 2.50 9.22 -11.97
N SER B 90 2.19 9.97 -10.93
CA SER B 90 2.01 9.43 -9.56
C SER B 90 0.83 8.44 -9.50
N ARG B 91 -0.28 8.73 -10.16
CA ARG B 91 -1.43 7.78 -10.27
C ARG B 91 -0.98 6.50 -11.01
N VAL B 92 -0.02 6.65 -11.92
CA VAL B 92 0.57 5.53 -12.72
C VAL B 92 1.47 4.69 -11.81
N MET B 93 2.23 5.30 -10.92
CA MET B 93 3.15 4.56 -10.01
C MET B 93 2.32 3.76 -8.99
N ILE B 94 1.14 4.24 -8.61
CA ILE B 94 0.26 3.48 -7.68
C ILE B 94 -0.26 2.24 -8.39
N HIS B 95 -0.76 2.39 -9.61
CA HIS B 95 -1.35 1.27 -10.38
C HIS B 95 -0.26 0.22 -10.69
N VAL B 96 0.97 0.65 -10.97
CA VAL B 96 2.04 -0.28 -11.43
C VAL B 96 2.84 -0.76 -10.22
N PHE B 97 3.35 0.13 -9.39
CA PHE B 97 4.35 -0.22 -8.33
C PHE B 97 3.63 -0.74 -7.08
N SER B 98 2.57 -0.06 -6.65
CA SER B 98 1.86 -0.41 -5.40
C SER B 98 1.07 -1.70 -5.62
N ASP B 99 0.42 -1.86 -6.76
CA ASP B 99 -0.49 -3.02 -7.02
C ASP B 99 0.31 -4.27 -7.40
N GLY B 100 1.63 -4.21 -7.44
CA GLY B 100 2.49 -5.40 -7.68
C GLY B 100 2.99 -5.96 -6.36
N VAL B 101 3.84 -6.98 -6.42
CA VAL B 101 4.46 -7.59 -5.21
C VAL B 101 5.58 -6.66 -4.74
N THR B 102 5.94 -6.71 -3.46
CA THR B 102 6.89 -5.75 -2.85
C THR B 102 8.24 -6.43 -2.62
N ASN B 103 9.29 -5.83 -3.16
CA ASN B 103 10.69 -6.30 -2.99
C ASN B 103 11.61 -5.18 -3.44
N TRP B 104 12.88 -5.25 -3.03
CA TRP B 104 13.91 -4.24 -3.35
C TRP B 104 14.13 -4.16 -4.88
N GLY B 105 13.91 -5.30 -5.56
CA GLY B 105 14.01 -5.37 -7.02
C GLY B 105 13.11 -4.36 -7.69
N ARG B 106 11.84 -4.31 -7.28
CA ARG B 106 10.82 -3.42 -7.87
C ARG B 106 11.00 -2.00 -7.33
N ILE B 107 11.54 -1.87 -6.12
CA ILE B 107 11.78 -0.54 -5.50
C ILE B 107 12.90 0.15 -6.28
N VAL B 108 13.91 -0.59 -6.72
CA VAL B 108 15.04 -0.05 -7.52
C VAL B 108 14.54 0.31 -8.93
N THR B 109 13.68 -0.52 -9.54
CA THR B 109 13.08 -0.27 -10.88
C THR B 109 12.27 1.02 -10.86
N LEU B 110 11.54 1.26 -9.77
CA LEU B 110 10.72 2.47 -9.56
C LEU B 110 11.64 3.68 -9.49
N ILE B 111 12.71 3.59 -8.70
CA ILE B 111 13.63 4.74 -8.49
C ILE B 111 14.49 4.92 -9.74
N SER B 112 14.88 3.83 -10.41
CA SER B 112 15.70 3.86 -11.64
C SER B 112 14.90 4.46 -12.79
N PHE B 113 13.62 4.12 -12.91
CA PHE B 113 12.78 4.68 -14.00
C PHE B 113 12.54 6.15 -13.68
N GLY B 114 12.44 6.48 -12.40
CA GLY B 114 12.30 7.88 -11.95
C GLY B 114 13.48 8.70 -12.36
N ALA B 115 14.68 8.14 -12.28
CA ALA B 115 15.97 8.76 -12.68
C ALA B 115 15.99 8.93 -14.19
N PHE B 116 15.57 7.90 -14.91
CA PHE B 116 15.43 7.90 -16.38
C PHE B 116 14.49 9.03 -16.78
N VAL B 117 13.38 9.19 -16.06
CA VAL B 117 12.36 10.24 -16.34
C VAL B 117 12.98 11.59 -15.99
N ALA B 118 13.77 11.70 -14.93
CA ALA B 118 14.43 12.96 -14.50
C ALA B 118 15.40 13.41 -15.60
N LYS B 119 16.15 12.48 -16.19
CA LYS B 119 17.06 12.78 -17.32
C LYS B 119 16.23 13.39 -18.44
N HIS B 120 15.08 12.81 -18.77
CA HIS B 120 14.18 13.26 -19.87
C HIS B 120 13.66 14.65 -19.55
N LEU B 121 13.32 14.92 -18.30
CA LEU B 121 12.82 16.26 -17.87
C LEU B 121 13.92 17.30 -18.15
N LYS B 122 15.19 16.99 -17.86
CA LYS B 122 16.35 17.88 -18.17
C LYS B 122 16.40 18.13 -19.68
N THR B 123 16.36 17.10 -20.52
CA THR B 123 16.58 17.23 -21.98
C THR B 123 15.43 18.05 -22.60
N ILE B 124 14.20 17.93 -22.08
CA ILE B 124 13.02 18.67 -22.61
C ILE B 124 12.90 20.00 -21.86
N ASN B 125 13.92 20.33 -21.07
CA ASN B 125 14.08 21.66 -20.45
C ASN B 125 12.85 21.94 -19.56
N GLN B 126 12.64 21.03 -18.59
CA GLN B 126 11.56 21.03 -17.56
C GLN B 126 12.14 20.56 -16.22
N GLU B 127 13.34 21.00 -15.89
CA GLU B 127 14.19 20.45 -14.78
C GLU B 127 13.63 20.89 -13.42
N SER B 128 12.70 21.84 -13.37
CA SER B 128 12.02 22.26 -12.12
C SER B 128 11.04 21.18 -11.67
N CYS B 129 10.67 20.26 -12.56
CA CYS B 129 9.74 19.13 -12.30
C CYS B 129 10.46 17.94 -11.66
N ILE B 130 11.78 17.94 -11.62
CA ILE B 130 12.59 16.82 -11.07
C ILE B 130 12.29 16.67 -9.57
N GLU B 131 12.41 17.76 -8.81
CA GLU B 131 12.29 17.70 -7.32
C GLU B 131 10.87 17.23 -6.97
N PRO B 132 9.79 17.75 -7.61
CA PRO B 132 8.45 17.20 -7.43
C PRO B 132 8.26 15.73 -7.82
N LEU B 133 8.94 15.28 -8.88
CA LEU B 133 8.95 13.85 -9.31
C LEU B 133 9.50 13.02 -8.16
N ALA B 134 10.61 13.44 -7.59
CA ALA B 134 11.29 12.78 -6.46
C ALA B 134 10.36 12.69 -5.25
N GLU B 135 9.56 13.73 -5.01
CA GLU B 135 8.60 13.81 -3.87
C GLU B 135 7.47 12.81 -4.12
N SER B 136 6.96 12.79 -5.35
CA SER B 136 5.89 11.88 -5.86
C SER B 136 6.33 10.43 -5.66
N ILE B 137 7.57 10.11 -6.04
CA ILE B 137 8.13 8.73 -5.97
C ILE B 137 8.23 8.35 -4.50
N THR B 138 8.75 9.24 -3.68
CA THR B 138 8.93 9.00 -2.22
C THR B 138 7.56 8.85 -1.57
N ASP B 139 6.58 9.61 -2.03
CA ASP B 139 5.20 9.54 -1.51
C ASP B 139 4.67 8.14 -1.77
N VAL B 140 4.63 7.73 -3.03
CA VAL B 140 4.10 6.40 -3.43
C VAL B 140 4.86 5.32 -2.64
N LEU B 141 6.20 5.44 -2.54
CA LEU B 141 7.02 4.38 -1.93
C LEU B 141 6.68 4.29 -0.44
N VAL B 142 6.85 5.38 0.29
CA VAL B 142 6.78 5.37 1.78
C VAL B 142 5.31 5.22 2.21
N ARG B 143 4.37 5.90 1.55
CA ARG B 143 2.94 5.90 1.94
C ARG B 143 2.32 4.51 1.73
N THR B 144 2.72 3.78 0.69
CA THR B 144 2.05 2.51 0.31
C THR B 144 2.82 1.30 0.83
N LYS B 145 4.12 1.39 1.09
CA LYS B 145 4.93 0.21 1.47
C LYS B 145 5.61 0.42 2.83
N ARG B 146 5.10 1.36 3.65
CA ARG B 146 5.65 1.71 4.97
C ARG B 146 5.88 0.45 5.82
N ASP B 147 4.88 -0.41 5.92
CA ASP B 147 4.90 -1.62 6.80
C ASP B 147 6.04 -2.54 6.36
N TRP B 148 6.13 -2.80 5.05
CA TRP B 148 7.18 -3.66 4.44
C TRP B 148 8.56 -3.01 4.66
N LEU B 149 8.67 -1.70 4.41
CA LEU B 149 9.95 -0.96 4.55
C LEU B 149 10.43 -1.07 6.00
N VAL B 150 9.55 -0.91 6.98
CA VAL B 150 9.90 -0.98 8.43
C VAL B 150 10.38 -2.41 8.73
N LYS B 151 9.64 -3.43 8.29
CA LYS B 151 9.98 -4.87 8.51
C LYS B 151 11.38 -5.16 7.96
N GLN B 152 11.76 -4.53 6.85
CA GLN B 152 13.06 -4.79 6.18
C GLN B 152 14.18 -3.93 6.79
N ARG B 153 13.87 -3.10 7.79
CA ARG B 153 14.82 -2.16 8.45
C ARG B 153 15.17 -1.01 7.49
N GLY B 154 14.18 -0.56 6.71
CA GLY B 154 14.30 0.57 5.77
C GLY B 154 15.57 0.50 4.95
N TRP B 155 16.31 1.60 4.89
CA TRP B 155 17.45 1.73 3.95
C TRP B 155 18.67 0.96 4.45
N ASP B 156 18.70 0.60 5.74
CA ASP B 156 19.73 -0.32 6.29
C ASP B 156 19.50 -1.69 5.64
N GLY B 157 18.24 -2.09 5.49
CA GLY B 157 17.85 -3.37 4.87
C GLY B 157 18.24 -3.40 3.41
N PHE B 158 18.02 -2.30 2.70
CA PHE B 158 18.31 -2.11 1.25
C PHE B 158 19.83 -2.25 1.01
N VAL B 159 20.63 -1.59 1.82
CA VAL B 159 22.11 -1.56 1.70
C VAL B 159 22.62 -2.98 1.98
N GLU B 160 22.02 -3.62 3.00
CA GLU B 160 22.31 -5.01 3.44
C GLU B 160 21.93 -6.00 2.33
N PHE B 161 20.82 -5.75 1.62
CA PHE B 161 20.29 -6.64 0.57
C PHE B 161 21.27 -6.68 -0.59
N PHE B 162 21.90 -5.56 -0.93
CA PHE B 162 22.87 -5.47 -2.06
C PHE B 162 24.33 -5.59 -1.58
N HIS B 163 24.56 -6.32 -0.48
CA HIS B 163 25.89 -6.78 0.03
C HIS B 163 26.78 -5.56 0.30
N SER C 13 23.63 -29.87 -37.36
CA SER C 13 24.22 -29.32 -36.11
C SER C 13 25.67 -28.92 -36.35
N GLU C 14 26.61 -29.34 -35.47
CA GLU C 14 28.03 -28.92 -35.44
C GLU C 14 28.08 -27.41 -35.19
N ASP C 15 27.40 -26.98 -34.14
CA ASP C 15 27.26 -25.60 -33.63
C ASP C 15 27.30 -25.76 -32.11
N GLU C 16 28.50 -25.71 -31.51
CA GLU C 16 28.66 -26.10 -30.09
C GLU C 16 27.86 -25.11 -29.23
N LEU C 17 27.98 -23.81 -29.54
CA LEU C 17 27.27 -22.74 -28.79
C LEU C 17 25.76 -23.01 -28.79
N TYR C 18 25.17 -23.35 -29.94
CA TYR C 18 23.71 -23.62 -30.03
C TYR C 18 23.35 -24.87 -29.24
N ARG C 19 24.20 -25.90 -29.30
CA ARG C 19 24.00 -27.20 -28.61
C ARG C 19 24.04 -26.97 -27.09
N GLN C 20 25.06 -26.27 -26.59
CA GLN C 20 25.24 -26.00 -25.13
C GLN C 20 24.06 -25.17 -24.63
N SER C 21 23.64 -24.15 -25.39
CA SER C 21 22.54 -23.22 -25.05
C SER C 21 21.23 -24.00 -24.95
N LEU C 22 20.92 -24.82 -25.95
CA LEU C 22 19.65 -25.58 -25.99
C LEU C 22 19.59 -26.51 -24.78
N GLU C 23 20.70 -27.11 -24.43
CA GLU C 23 20.75 -28.10 -23.31
C GLU C 23 20.42 -27.35 -22.02
N ILE C 24 21.12 -26.25 -21.74
CA ILE C 24 20.94 -25.40 -20.53
C ILE C 24 19.48 -24.94 -20.42
N ILE C 25 18.94 -24.41 -21.51
CA ILE C 25 17.61 -23.74 -21.52
C ILE C 25 16.52 -24.81 -21.39
N SER C 26 16.64 -25.94 -22.08
CA SER C 26 15.63 -27.02 -21.99
C SER C 26 15.67 -27.64 -20.59
N ARG C 27 16.85 -27.76 -19.99
CA ARG C 27 16.96 -28.29 -18.61
C ARG C 27 16.13 -27.37 -17.71
N TYR C 28 16.45 -26.07 -17.71
CA TYR C 28 15.82 -25.07 -16.82
C TYR C 28 14.31 -25.06 -17.04
N LEU C 29 13.86 -24.94 -18.30
CA LEU C 29 12.42 -24.85 -18.59
C LEU C 29 11.71 -26.14 -18.18
N ARG C 30 12.30 -27.32 -18.45
CA ARG C 30 11.64 -28.61 -18.14
C ARG C 30 11.56 -28.79 -16.62
N GLU C 31 12.60 -28.43 -15.86
CA GLU C 31 12.65 -28.67 -14.40
C GLU C 31 11.78 -27.62 -13.69
N GLN C 32 11.68 -26.41 -14.22
CA GLN C 32 10.77 -25.38 -13.65
C GLN C 32 9.33 -25.87 -13.81
N ALA C 33 8.98 -26.42 -14.98
CA ALA C 33 7.62 -26.88 -15.33
C ALA C 33 7.18 -28.03 -14.41
N THR C 34 8.08 -28.96 -14.09
CA THR C 34 7.73 -30.28 -13.47
C THR C 34 8.22 -30.38 -12.02
N GLY C 35 9.27 -29.64 -11.63
CA GLY C 35 9.82 -29.70 -10.27
C GLY C 35 11.01 -30.66 -10.17
N ALA C 36 11.19 -31.53 -11.18
CA ALA C 36 12.21 -32.61 -11.22
C ALA C 36 13.46 -32.15 -11.96
N LYS C 37 14.62 -32.18 -11.30
CA LYS C 37 15.95 -31.97 -11.94
C LYS C 37 16.30 -33.27 -12.66
N ASP C 38 16.28 -33.29 -14.00
CA ASP C 38 16.56 -34.53 -14.78
C ASP C 38 18.06 -34.79 -14.67
N THR C 39 18.41 -36.06 -14.45
CA THR C 39 19.78 -36.62 -14.42
C THR C 39 19.97 -37.34 -15.75
N LYS C 40 20.58 -36.68 -16.71
CA LYS C 40 20.90 -37.24 -18.04
C LYS C 40 22.03 -36.39 -18.59
N PRO C 41 23.24 -36.97 -18.79
CA PRO C 41 24.43 -36.18 -19.14
C PRO C 41 24.22 -35.10 -20.23
N MET C 42 24.60 -33.87 -19.90
CA MET C 42 24.49 -32.68 -20.80
C MET C 42 25.19 -32.92 -22.14
N GLY C 43 26.37 -33.53 -22.10
CA GLY C 43 27.25 -33.73 -23.27
C GLY C 43 28.51 -32.89 -23.19
N ARG C 44 28.90 -32.25 -24.30
CA ARG C 44 30.15 -31.46 -24.41
C ARG C 44 30.00 -30.18 -23.57
N SER C 45 31.08 -29.78 -22.91
CA SER C 45 31.17 -28.61 -22.00
C SER C 45 30.24 -28.76 -20.80
N GLY C 46 29.96 -29.99 -20.33
CA GLY C 46 28.98 -30.28 -19.27
C GLY C 46 29.34 -29.67 -17.92
N ALA C 47 30.64 -29.59 -17.61
CA ALA C 47 31.13 -28.97 -16.35
C ALA C 47 30.60 -27.54 -16.26
N THR C 48 30.74 -26.80 -17.37
CA THR C 48 30.31 -25.38 -17.51
C THR C 48 28.79 -25.29 -17.54
N SER C 49 28.12 -26.19 -18.26
CA SER C 49 26.64 -26.22 -18.36
C SER C 49 26.01 -26.47 -16.99
N ARG C 50 26.64 -27.27 -16.13
CA ARG C 50 26.11 -27.55 -14.77
C ARG C 50 26.18 -26.26 -13.94
N LYS C 51 27.29 -25.53 -13.99
CA LYS C 51 27.45 -24.25 -13.24
C LYS C 51 26.48 -23.22 -13.80
N ALA C 52 26.31 -23.17 -15.12
CA ALA C 52 25.43 -22.21 -15.81
C ALA C 52 23.98 -22.47 -15.39
N LEU C 53 23.58 -23.72 -15.35
CA LEU C 53 22.22 -24.12 -14.89
C LEU C 53 22.03 -23.72 -13.43
N GLU C 54 23.01 -23.98 -12.56
CA GLU C 54 22.97 -23.61 -11.12
C GLU C 54 22.73 -22.11 -11.01
N THR C 55 23.51 -21.33 -11.76
CA THR C 55 23.42 -19.84 -11.81
C THR C 55 22.01 -19.45 -12.26
N LEU C 56 21.55 -20.07 -13.35
CA LEU C 56 20.24 -19.75 -13.97
C LEU C 56 19.14 -19.98 -12.95
N ARG C 57 19.20 -21.09 -12.19
CA ARG C 57 18.27 -21.40 -11.07
C ARG C 57 18.24 -20.23 -10.07
N ARG C 58 19.40 -19.84 -9.52
CA ARG C 58 19.54 -18.70 -8.58
C ARG C 58 18.83 -17.48 -9.18
N VAL C 59 19.36 -16.98 -10.29
CA VAL C 59 19.04 -15.64 -10.84
C VAL C 59 17.68 -15.70 -11.54
N GLY C 60 17.38 -16.78 -12.25
CA GLY C 60 16.10 -16.95 -12.97
C GLY C 60 14.92 -17.03 -12.03
N ASP C 61 15.05 -17.81 -10.94
CA ASP C 61 14.00 -17.94 -9.89
C ASP C 61 13.83 -16.57 -9.24
N GLY C 62 14.94 -15.85 -9.03
CA GLY C 62 14.93 -14.47 -8.49
C GLY C 62 14.07 -13.54 -9.33
N VAL C 63 14.22 -13.58 -10.64
CA VAL C 63 13.53 -12.66 -11.59
C VAL C 63 12.03 -13.00 -11.59
N GLN C 64 11.67 -14.28 -11.59
CA GLN C 64 10.24 -14.72 -11.62
C GLN C 64 9.59 -14.27 -10.31
N ARG C 65 10.33 -14.32 -9.22
CA ARG C 65 9.82 -13.98 -7.87
C ARG C 65 9.65 -12.46 -7.76
N ASN C 66 10.71 -11.73 -8.09
CA ASN C 66 10.74 -10.25 -7.97
C ASN C 66 9.76 -9.59 -8.92
N HIS C 67 9.58 -10.13 -10.12
CA HIS C 67 8.71 -9.49 -11.14
C HIS C 67 7.55 -10.41 -11.49
N GLU C 68 7.02 -11.10 -10.49
CA GLU C 68 5.94 -12.09 -10.65
C GLU C 68 4.75 -11.42 -11.30
N THR C 69 4.36 -10.27 -10.77
CA THR C 69 3.09 -9.60 -11.16
C THR C 69 3.22 -9.17 -12.62
N ALA C 70 4.39 -8.67 -13.01
CA ALA C 70 4.70 -8.23 -14.40
C ALA C 70 4.59 -9.42 -15.34
N PHE C 71 5.22 -10.53 -14.95
CA PHE C 71 5.25 -11.81 -15.70
C PHE C 71 3.82 -12.31 -15.87
N GLN C 72 3.02 -12.28 -14.80
CA GLN C 72 1.60 -12.73 -14.82
C GLN C 72 0.82 -11.90 -15.84
N GLY C 73 1.04 -10.58 -15.85
CA GLY C 73 0.33 -9.66 -16.76
C GLY C 73 0.68 -9.93 -18.20
N MET C 74 1.94 -10.26 -18.47
CA MET C 74 2.45 -10.56 -19.84
C MET C 74 1.87 -11.91 -20.28
N LEU C 75 1.87 -12.89 -19.41
CA LEU C 75 1.32 -14.24 -19.72
C LEU C 75 -0.15 -14.11 -20.11
N ARG C 76 -0.92 -13.40 -19.28
CA ARG C 76 -2.36 -13.13 -19.46
C ARG C 76 -2.57 -12.48 -20.83
N LYS C 77 -1.76 -11.47 -21.18
CA LYS C 77 -1.84 -10.74 -22.48
C LYS C 77 -1.61 -11.69 -23.65
N LEU C 78 -0.63 -12.59 -23.56
CA LEU C 78 -0.26 -13.52 -24.66
C LEU C 78 -1.37 -14.56 -24.85
N ASP C 79 -2.09 -14.94 -23.80
CA ASP C 79 -3.30 -15.81 -23.86
C ASP C 79 -2.93 -17.13 -24.54
N ILE C 80 -2.02 -17.88 -23.93
CA ILE C 80 -1.39 -19.10 -24.52
C ILE C 80 -2.25 -20.32 -24.16
N LYS C 81 -2.72 -21.09 -25.16
CA LYS C 81 -3.50 -22.34 -25.01
C LYS C 81 -3.00 -23.50 -25.88
N ASN C 82 -2.17 -23.28 -26.93
CA ASN C 82 -1.75 -24.40 -27.83
C ASN C 82 -0.36 -24.15 -28.42
N GLU C 83 0.10 -25.05 -29.30
CA GLU C 83 1.36 -24.92 -30.08
C GLU C 83 1.28 -23.68 -30.98
N ASP C 84 0.07 -23.32 -31.43
CA ASP C 84 -0.17 -22.19 -32.37
C ASP C 84 0.13 -20.87 -31.65
N ASP C 85 -0.22 -20.78 -30.36
CA ASP C 85 -0.02 -19.57 -29.50
C ASP C 85 1.46 -19.50 -29.08
N VAL C 86 2.08 -20.65 -28.86
CA VAL C 86 3.53 -20.76 -28.49
C VAL C 86 4.35 -20.53 -29.77
N LYS C 87 3.81 -20.92 -30.92
CA LYS C 87 4.44 -20.70 -32.25
C LYS C 87 4.44 -19.19 -32.47
N SER C 88 3.32 -18.52 -32.15
CA SER C 88 3.15 -17.04 -32.19
C SER C 88 4.21 -16.37 -31.32
N LEU C 89 4.29 -16.80 -30.06
CA LEU C 89 5.15 -16.21 -28.99
C LEU C 89 6.55 -15.95 -29.54
N SER C 90 7.00 -16.79 -30.48
CA SER C 90 8.33 -16.71 -31.12
C SER C 90 8.53 -15.35 -31.80
N ARG C 91 7.55 -14.91 -32.60
CA ARG C 91 7.57 -13.60 -33.30
C ARG C 91 7.60 -12.48 -32.25
N VAL C 92 7.03 -12.74 -31.07
CA VAL C 92 6.96 -11.74 -29.97
C VAL C 92 8.34 -11.63 -29.31
N MET C 93 9.07 -12.74 -29.14
CA MET C 93 10.42 -12.69 -28.51
C MET C 93 11.40 -11.97 -29.44
N ILE C 94 11.22 -12.14 -30.76
CA ILE C 94 12.14 -11.56 -31.77
C ILE C 94 11.97 -10.04 -31.70
N HIS C 95 10.73 -9.56 -31.63
CA HIS C 95 10.46 -8.10 -31.59
C HIS C 95 10.96 -7.53 -30.26
N VAL C 96 10.81 -8.25 -29.15
CA VAL C 96 11.12 -7.69 -27.80
C VAL C 96 12.60 -7.86 -27.48
N PHE C 97 13.14 -9.06 -27.67
CA PHE C 97 14.50 -9.42 -27.19
C PHE C 97 15.56 -8.99 -28.21
N SER C 98 15.32 -9.27 -29.50
CA SER C 98 16.28 -8.94 -30.57
C SER C 98 16.35 -7.44 -30.80
N ASP C 99 15.22 -6.72 -30.77
CA ASP C 99 15.20 -5.28 -31.13
C ASP C 99 15.68 -4.42 -29.96
N GLY C 100 16.00 -5.00 -28.79
CA GLY C 100 16.57 -4.23 -27.67
C GLY C 100 18.07 -4.42 -27.59
N VAL C 101 18.68 -3.91 -26.52
CA VAL C 101 20.16 -3.88 -26.31
C VAL C 101 20.59 -5.25 -25.76
N THR C 102 21.88 -5.59 -25.82
CA THR C 102 22.36 -6.95 -25.46
C THR C 102 23.13 -6.92 -24.13
N ASN C 103 22.67 -7.72 -23.17
CA ASN C 103 23.35 -7.91 -21.87
C ASN C 103 22.73 -9.13 -21.19
N TRP C 104 23.45 -9.69 -20.22
CA TRP C 104 23.03 -10.90 -19.48
C TRP C 104 21.71 -10.64 -18.74
N GLY C 105 21.47 -9.39 -18.36
CA GLY C 105 20.23 -8.97 -17.70
C GLY C 105 19.01 -9.34 -18.53
N ARG C 106 19.02 -8.98 -19.81
CA ARG C 106 17.88 -9.22 -20.73
C ARG C 106 17.87 -10.68 -21.16
N ILE C 107 19.04 -11.33 -21.18
CA ILE C 107 19.16 -12.75 -21.59
C ILE C 107 18.49 -13.61 -20.49
N VAL C 108 18.67 -13.23 -19.23
CA VAL C 108 18.07 -13.95 -18.06
C VAL C 108 16.55 -13.71 -18.07
N THR C 109 16.10 -12.51 -18.37
CA THR C 109 14.67 -12.14 -18.42
C THR C 109 13.97 -12.96 -19.49
N LEU C 110 14.63 -13.17 -20.62
CA LEU C 110 14.12 -13.98 -21.76
C LEU C 110 13.98 -15.43 -21.29
N ILE C 111 14.99 -15.97 -20.63
CA ILE C 111 15.00 -17.40 -20.22
C ILE C 111 14.07 -17.56 -19.02
N SER C 112 14.03 -16.58 -18.11
CA SER C 112 13.16 -16.59 -16.89
C SER C 112 11.68 -16.53 -17.29
N PHE C 113 11.35 -15.70 -18.28
CA PHE C 113 9.95 -15.59 -18.74
C PHE C 113 9.59 -16.86 -19.47
N GLY C 114 10.57 -17.45 -20.17
CA GLY C 114 10.38 -18.74 -20.86
C GLY C 114 10.03 -19.83 -19.88
N ALA C 115 10.67 -19.82 -18.70
CA ALA C 115 10.45 -20.79 -17.61
C ALA C 115 9.06 -20.56 -17.02
N PHE C 116 8.70 -19.29 -16.81
CA PHE C 116 7.37 -18.87 -16.34
C PHE C 116 6.31 -19.39 -17.31
N VAL C 117 6.56 -19.27 -18.61
CA VAL C 117 5.62 -19.74 -19.66
C VAL C 117 5.58 -21.27 -19.65
N ALA C 118 6.71 -21.94 -19.44
CA ALA C 118 6.80 -23.41 -19.37
C ALA C 118 5.97 -23.92 -18.18
N LYS C 119 6.01 -23.24 -17.04
CA LYS C 119 5.18 -23.60 -15.86
C LYS C 119 3.71 -23.57 -16.30
N HIS C 120 3.31 -22.52 -17.00
CA HIS C 120 1.91 -22.30 -17.44
C HIS C 120 1.52 -23.41 -18.42
N LEU C 121 2.42 -23.80 -19.32
CA LEU C 121 2.17 -24.89 -20.30
C LEU C 121 1.87 -26.20 -19.54
N LYS C 122 2.61 -26.49 -18.46
CA LYS C 122 2.36 -27.68 -17.59
C LYS C 122 0.95 -27.57 -16.99
N THR C 123 0.59 -26.45 -16.39
CA THR C 123 -0.69 -26.32 -15.64
C THR C 123 -1.87 -26.43 -16.63
N ILE C 124 -1.74 -25.96 -17.87
CA ILE C 124 -2.82 -26.03 -18.89
C ILE C 124 -2.66 -27.32 -19.69
N ASN C 125 -1.79 -28.20 -19.21
CA ASN C 125 -1.68 -29.61 -19.70
C ASN C 125 -1.35 -29.58 -21.20
N GLN C 126 -0.25 -28.89 -21.54
CA GLN C 126 0.32 -28.70 -22.90
C GLN C 126 1.85 -28.80 -22.81
N GLU C 127 2.35 -29.75 -22.03
CA GLU C 127 3.78 -29.87 -21.64
C GLU C 127 4.65 -30.33 -22.83
N SER C 128 4.04 -30.80 -23.91
CA SER C 128 4.73 -31.18 -25.16
C SER C 128 5.23 -29.92 -25.89
N CYS C 129 4.69 -28.75 -25.55
CA CYS C 129 5.04 -27.44 -26.18
C CYS C 129 6.27 -26.83 -25.50
N ILE C 130 6.72 -27.39 -24.36
CA ILE C 130 7.87 -26.85 -23.59
C ILE C 130 9.13 -26.98 -24.44
N GLU C 131 9.41 -28.18 -24.96
CA GLU C 131 10.69 -28.45 -25.68
C GLU C 131 10.76 -27.54 -26.90
N PRO C 132 9.71 -27.39 -27.73
CA PRO C 132 9.69 -26.39 -28.80
C PRO C 132 9.86 -24.92 -28.37
N LEU C 133 9.29 -24.54 -27.21
CA LEU C 133 9.45 -23.19 -26.62
C LEU C 133 10.96 -22.97 -26.37
N ALA C 134 11.60 -23.94 -25.74
CA ALA C 134 13.04 -23.94 -25.39
C ALA C 134 13.88 -23.79 -26.68
N GLU C 135 13.47 -24.44 -27.77
CA GLU C 135 14.19 -24.43 -29.08
C GLU C 135 14.06 -23.03 -29.68
N SER C 136 12.85 -22.46 -29.63
CA SER C 136 12.54 -21.11 -30.15
C SER C 136 13.34 -20.06 -29.38
N ILE C 137 13.43 -20.19 -28.06
CA ILE C 137 14.20 -19.26 -27.18
C ILE C 137 15.68 -19.35 -27.56
N THR C 138 16.20 -20.57 -27.70
CA THR C 138 17.62 -20.83 -28.01
C THR C 138 17.92 -20.32 -29.42
N ASP C 139 16.94 -20.45 -30.32
CA ASP C 139 17.15 -19.98 -31.72
C ASP C 139 17.31 -18.47 -31.69
N VAL C 140 16.34 -17.77 -31.11
CA VAL C 140 16.37 -16.29 -31.03
C VAL C 140 17.67 -15.87 -30.33
N LEU C 141 18.03 -16.53 -29.23
CA LEU C 141 19.20 -16.11 -28.41
C LEU C 141 20.48 -16.29 -29.23
N VAL C 142 20.75 -17.50 -29.70
CA VAL C 142 22.07 -17.83 -30.32
C VAL C 142 22.16 -17.20 -31.72
N ARG C 143 21.08 -17.22 -32.50
CA ARG C 143 21.08 -16.71 -33.89
C ARG C 143 21.21 -15.18 -33.92
N THR C 144 20.73 -14.44 -32.92
CA THR C 144 20.72 -12.95 -32.96
C THR C 144 21.82 -12.34 -32.08
N LYS C 145 22.36 -13.07 -31.11
CA LYS C 145 23.38 -12.51 -30.18
C LYS C 145 24.68 -13.31 -30.26
N ARG C 146 24.88 -14.08 -31.34
CA ARG C 146 26.06 -14.98 -31.53
C ARG C 146 27.36 -14.22 -31.26
N ASP C 147 27.53 -13.06 -31.92
CA ASP C 147 28.81 -12.29 -31.90
C ASP C 147 29.09 -11.86 -30.45
N TRP C 148 28.07 -11.32 -29.78
CA TRP C 148 28.14 -10.82 -28.38
C TRP C 148 28.41 -12.00 -27.45
N LEU C 149 27.69 -13.12 -27.64
CA LEU C 149 27.84 -14.32 -26.78
C LEU C 149 29.28 -14.83 -26.87
N VAL C 150 29.85 -14.88 -28.07
CA VAL C 150 31.26 -15.35 -28.30
C VAL C 150 32.21 -14.38 -27.57
N LYS C 151 32.04 -13.08 -27.76
CA LYS C 151 32.90 -12.03 -27.14
C LYS C 151 32.88 -12.17 -25.60
N GLN C 152 31.74 -12.58 -25.02
CA GLN C 152 31.60 -12.70 -23.55
C GLN C 152 32.11 -14.05 -23.05
N ARG C 153 32.57 -14.92 -23.96
CA ARG C 153 33.01 -16.31 -23.65
C ARG C 153 31.80 -17.18 -23.30
N GLY C 154 30.69 -16.97 -24.00
CA GLY C 154 29.46 -17.77 -23.88
C GLY C 154 29.08 -17.99 -22.43
N TRP C 155 28.79 -19.23 -22.08
CA TRP C 155 28.20 -19.58 -20.77
C TRP C 155 29.24 -19.52 -19.66
N ASP C 156 30.53 -19.55 -19.99
CA ASP C 156 31.63 -19.29 -19.01
C ASP C 156 31.51 -17.83 -18.57
N GLY C 157 31.21 -16.93 -19.53
CA GLY C 157 31.04 -15.49 -19.27
C GLY C 157 29.86 -15.23 -18.36
N PHE C 158 28.75 -15.93 -18.60
CA PHE C 158 27.48 -15.84 -17.87
C PHE C 158 27.70 -16.28 -16.40
N VAL C 159 28.39 -17.38 -16.18
CA VAL C 159 28.61 -17.96 -14.83
C VAL C 159 29.51 -16.99 -14.06
N GLU C 160 30.51 -16.41 -14.74
CA GLU C 160 31.48 -15.46 -14.15
C GLU C 160 30.77 -14.15 -13.83
N PHE C 161 29.86 -13.69 -14.69
CA PHE C 161 29.18 -12.39 -14.56
C PHE C 161 28.38 -12.34 -13.26
N PHE C 162 27.75 -13.45 -12.88
CA PHE C 162 26.93 -13.59 -11.65
C PHE C 162 27.79 -14.22 -10.54
N HIS C 163 28.93 -13.57 -10.26
CA HIS C 163 30.00 -14.01 -9.30
C HIS C 163 30.52 -15.37 -9.76
N SER D 13 -20.28 16.88 46.69
CA SER D 13 -20.66 15.78 45.76
C SER D 13 -22.20 15.67 45.69
N GLU D 14 -22.76 14.46 45.89
CA GLU D 14 -24.20 14.14 45.74
C GLU D 14 -24.61 14.38 44.28
N ASP D 15 -23.85 13.80 43.36
CA ASP D 15 -24.07 13.85 41.88
C ASP D 15 -23.79 12.43 41.40
N GLU D 16 -24.81 11.56 41.37
CA GLU D 16 -24.60 10.11 41.15
C GLU D 16 -24.00 9.92 39.75
N LEU D 17 -24.55 10.61 38.75
CA LEU D 17 -24.11 10.49 37.35
C LEU D 17 -22.62 10.85 37.26
N TYR D 18 -22.18 11.93 37.90
CA TYR D 18 -20.75 12.36 37.83
C TYR D 18 -19.87 11.33 38.54
N ARG D 19 -20.33 10.81 39.69
CA ARG D 19 -19.60 9.81 40.50
C ARG D 19 -19.46 8.51 39.71
N GLN D 20 -20.54 8.01 39.10
CA GLN D 20 -20.55 6.75 38.30
C GLN D 20 -19.60 6.91 37.11
N SER D 21 -19.66 8.05 36.43
CA SER D 21 -18.84 8.38 35.24
C SER D 21 -17.37 8.37 35.61
N LEU D 22 -17.00 9.07 36.69
CA LEU D 22 -15.60 9.22 37.12
C LEU D 22 -14.98 7.85 37.37
N GLU D 23 -15.70 6.96 38.03
CA GLU D 23 -15.17 5.63 38.42
C GLU D 23 -14.91 4.84 37.15
N ILE D 24 -15.93 4.71 36.30
CA ILE D 24 -15.89 3.96 35.00
C ILE D 24 -14.69 4.45 34.18
N ILE D 25 -14.50 5.77 34.09
CA ILE D 25 -13.46 6.38 33.22
C ILE D 25 -12.10 6.20 33.91
N SER D 26 -11.99 6.44 35.21
CA SER D 26 -10.68 6.31 35.91
C SER D 26 -10.27 4.84 35.93
N ARG D 27 -11.21 3.93 36.12
CA ARG D 27 -10.92 2.48 36.11
C ARG D 27 -10.27 2.14 34.76
N TYR D 28 -10.95 2.45 33.67
CA TYR D 28 -10.52 2.15 32.28
C TYR D 28 -9.16 2.80 32.03
N LEU D 29 -9.00 4.09 32.29
CA LEU D 29 -7.73 4.79 32.01
C LEU D 29 -6.60 4.18 32.84
N ARG D 30 -6.84 3.87 34.12
CA ARG D 30 -5.77 3.33 35.02
C ARG D 30 -5.39 1.92 34.56
N GLU D 31 -6.35 1.08 34.17
CA GLU D 31 -6.07 -0.34 33.80
C GLU D 31 -5.47 -0.39 32.39
N GLN D 32 -5.83 0.53 31.50
CA GLN D 32 -5.19 0.62 30.16
C GLN D 32 -3.71 0.98 30.36
N ALA D 33 -3.41 1.93 31.23
CA ALA D 33 -2.05 2.45 31.49
C ALA D 33 -1.14 1.35 32.05
N THR D 34 -1.66 0.50 32.95
CA THR D 34 -0.84 -0.43 33.79
C THR D 34 -1.04 -1.90 33.42
N GLY D 35 -2.20 -2.28 32.86
CA GLY D 35 -2.51 -3.68 32.52
C GLY D 35 -3.32 -4.38 33.61
N ALA D 36 -3.38 -3.78 34.81
CA ALA D 36 -3.99 -4.36 36.04
C ALA D 36 -5.42 -3.85 36.22
N LYS D 37 -6.37 -4.77 36.31
CA LYS D 37 -7.81 -4.47 36.56
C LYS D 37 -8.00 -4.26 38.07
N ASP D 38 -8.16 -3.01 38.53
CA ASP D 38 -8.22 -2.69 39.98
C ASP D 38 -9.57 -3.18 40.52
N THR D 39 -9.52 -3.85 41.68
CA THR D 39 -10.69 -4.42 42.39
C THR D 39 -11.22 -3.45 43.45
N LYS D 40 -12.50 -3.17 43.36
CA LYS D 40 -13.24 -2.29 44.29
C LYS D 40 -14.72 -2.64 44.10
N PRO D 41 -15.56 -2.58 45.15
CA PRO D 41 -17.00 -2.72 44.97
C PRO D 41 -17.38 -1.48 44.17
N MET D 42 -18.06 -1.63 43.03
CA MET D 42 -18.25 -0.46 42.13
C MET D 42 -19.23 0.54 42.74
N GLY D 43 -18.78 1.32 43.73
CA GLY D 43 -19.53 2.37 44.44
C GLY D 43 -20.99 2.00 44.69
N ARG D 44 -21.90 2.93 44.42
CA ARG D 44 -23.36 2.71 44.52
C ARG D 44 -23.78 2.11 43.18
N SER D 45 -24.51 0.99 43.20
CA SER D 45 -25.03 0.30 41.99
C SER D 45 -23.91 0.00 40.97
N GLY D 46 -23.05 -0.97 41.29
CA GLY D 46 -21.93 -1.38 40.43
C GLY D 46 -22.34 -2.35 39.35
N ALA D 47 -23.55 -2.93 39.41
CA ALA D 47 -24.04 -3.90 38.41
C ALA D 47 -23.90 -3.27 37.02
N THR D 48 -24.32 -2.01 36.91
CA THR D 48 -24.28 -1.20 35.67
C THR D 48 -22.85 -0.76 35.38
N SER D 49 -22.10 -0.28 36.37
CA SER D 49 -20.71 0.18 36.19
C SER D 49 -19.81 -1.01 35.82
N ARG D 50 -20.18 -2.22 36.21
CA ARG D 50 -19.47 -3.47 35.83
C ARG D 50 -19.53 -3.62 34.32
N LYS D 51 -20.74 -3.72 33.79
CA LYS D 51 -20.98 -3.98 32.37
C LYS D 51 -20.61 -2.74 31.55
N ALA D 52 -20.68 -1.53 32.10
CA ALA D 52 -20.24 -0.32 31.36
C ALA D 52 -18.73 -0.42 31.11
N LEU D 53 -17.98 -0.79 32.14
CA LEU D 53 -16.51 -0.96 32.01
C LEU D 53 -16.21 -2.11 31.03
N GLU D 54 -16.91 -3.23 31.14
CA GLU D 54 -16.76 -4.41 30.23
C GLU D 54 -16.95 -3.94 28.78
N THR D 55 -18.04 -3.20 28.53
CA THR D 55 -18.40 -2.66 27.19
C THR D 55 -17.27 -1.73 26.74
N LEU D 56 -16.84 -0.83 27.62
CA LEU D 56 -15.82 0.21 27.31
C LEU D 56 -14.53 -0.51 26.88
N ARG D 57 -14.13 -1.57 27.59
CA ARG D 57 -12.97 -2.43 27.23
C ARG D 57 -13.11 -2.92 25.78
N ARG D 58 -14.22 -3.61 25.47
CA ARG D 58 -14.52 -4.11 24.10
C ARG D 58 -14.35 -2.98 23.08
N VAL D 59 -15.20 -1.95 23.20
CA VAL D 59 -15.40 -0.91 22.15
C VAL D 59 -14.23 0.06 22.18
N GLY D 60 -13.74 0.43 23.36
CA GLY D 60 -12.63 1.38 23.52
C GLY D 60 -11.32 0.83 22.98
N ASP D 61 -11.03 -0.43 23.27
CA ASP D 61 -9.82 -1.14 22.75
C ASP D 61 -9.97 -1.21 21.23
N GLY D 62 -11.18 -1.48 20.74
CA GLY D 62 -11.50 -1.51 19.31
C GLY D 62 -11.12 -0.23 18.61
N VAL D 63 -11.46 0.93 19.19
CA VAL D 63 -11.25 2.27 18.57
C VAL D 63 -9.75 2.55 18.54
N GLN D 64 -9.03 2.24 19.61
CA GLN D 64 -7.57 2.53 19.68
C GLN D 64 -6.85 1.65 18.66
N ARG D 65 -7.34 0.44 18.45
CA ARG D 65 -6.74 -0.56 17.53
C ARG D 65 -7.02 -0.12 16.09
N ASN D 66 -8.28 0.14 15.78
CA ASN D 66 -8.74 0.48 14.41
C ASN D 66 -8.16 1.84 13.98
N HIS D 67 -8.04 2.80 14.89
CA HIS D 67 -7.58 4.17 14.53
C HIS D 67 -6.28 4.49 15.24
N GLU D 68 -5.39 3.50 15.34
CA GLU D 68 -4.10 3.60 16.04
C GLU D 68 -3.30 4.75 15.42
N THR D 69 -3.23 4.78 14.10
CA THR D 69 -2.34 5.72 13.39
C THR D 69 -2.82 7.15 13.64
N ALA D 70 -4.14 7.34 13.63
CA ALA D 70 -4.82 8.64 13.84
C ALA D 70 -4.52 9.11 15.25
N PHE D 71 -4.68 8.21 16.23
CA PHE D 71 -4.47 8.46 17.67
C PHE D 71 -3.02 8.84 17.88
N GLN D 72 -2.09 8.10 17.26
CA GLN D 72 -0.63 8.36 17.38
C GLN D 72 -0.35 9.78 16.87
N GLY D 73 -0.94 10.16 15.73
CA GLY D 73 -0.73 11.48 15.10
C GLY D 73 -1.24 12.60 15.98
N MET D 74 -2.37 12.38 16.66
CA MET D 74 -3.01 13.38 17.55
C MET D 74 -2.16 13.51 18.81
N LEU D 75 -1.69 12.40 19.37
CA LEU D 75 -0.84 12.41 20.58
C LEU D 75 0.42 13.24 20.30
N ARG D 76 1.07 12.96 19.18
CA ARG D 76 2.30 13.64 18.70
C ARG D 76 2.03 15.15 18.61
N LYS D 77 0.91 15.55 18.02
CA LYS D 77 0.50 16.98 17.86
C LYS D 77 0.36 17.66 19.22
N LEU D 78 -0.26 17.00 20.19
CA LEU D 78 -0.55 17.59 21.53
C LEU D 78 0.75 17.74 22.32
N ASP D 79 1.73 16.86 22.11
CA ASP D 79 3.08 16.94 22.71
C ASP D 79 2.97 17.04 24.24
N ILE D 80 2.43 15.98 24.86
CA ILE D 80 2.09 15.94 26.32
C ILE D 80 3.30 15.44 27.10
N LYS D 81 3.77 16.23 28.08
CA LYS D 81 4.93 15.91 28.96
C LYS D 81 4.67 16.17 30.46
N ASN D 82 3.66 16.95 30.85
CA ASN D 82 3.43 17.27 32.30
C ASN D 82 1.95 17.60 32.56
N GLU D 83 1.62 17.88 33.82
CA GLU D 83 0.25 18.24 34.28
C GLU D 83 -0.19 19.54 33.60
N ASP D 84 0.75 20.41 33.20
CA ASP D 84 0.46 21.69 32.48
C ASP D 84 -0.12 21.37 31.09
N ASP D 85 0.39 20.32 30.43
CA ASP D 85 -0.04 19.85 29.09
C ASP D 85 -1.38 19.12 29.18
N VAL D 86 -1.65 18.43 30.28
CA VAL D 86 -2.95 17.74 30.54
C VAL D 86 -4.00 18.81 30.91
N LYS D 87 -3.55 19.95 31.45
CA LYS D 87 -4.36 21.14 31.82
C LYS D 87 -4.67 21.94 30.55
N SER D 88 -3.75 21.97 29.60
CA SER D 88 -3.94 22.57 28.25
C SER D 88 -4.83 21.67 27.37
N LEU D 89 -4.85 20.36 27.61
CA LEU D 89 -5.64 19.34 26.88
C LEU D 89 -7.11 19.41 27.32
N SER D 90 -7.43 20.04 28.45
CA SER D 90 -8.83 20.26 28.85
C SER D 90 -9.52 21.21 27.85
N ARG D 91 -8.82 22.29 27.49
CA ARG D 91 -9.30 23.33 26.54
C ARG D 91 -9.52 22.66 25.17
N VAL D 92 -8.73 21.62 24.87
CA VAL D 92 -8.79 20.91 23.56
C VAL D 92 -10.05 20.03 23.54
N MET D 93 -10.38 19.38 24.65
CA MET D 93 -11.56 18.48 24.72
C MET D 93 -12.83 19.30 24.62
N ILE D 94 -12.82 20.51 25.19
CA ILE D 94 -14.02 21.40 25.20
C ILE D 94 -14.31 21.76 23.75
N HIS D 95 -13.28 22.18 23.01
CA HIS D 95 -13.46 22.66 21.62
C HIS D 95 -13.85 21.50 20.72
N VAL D 96 -13.25 20.32 20.89
CA VAL D 96 -13.40 19.20 19.92
C VAL D 96 -14.62 18.36 20.28
N PHE D 97 -14.77 17.99 21.56
CA PHE D 97 -15.83 17.05 21.99
C PHE D 97 -17.17 17.79 22.19
N SER D 98 -17.14 18.95 22.85
CA SER D 98 -18.37 19.65 23.26
C SER D 98 -18.96 20.45 22.10
N ASP D 99 -18.15 20.94 21.15
CA ASP D 99 -18.70 21.79 20.05
C ASP D 99 -19.37 20.93 18.98
N GLY D 100 -19.11 19.62 18.96
CA GLY D 100 -19.64 18.72 17.93
C GLY D 100 -20.94 18.07 18.37
N VAL D 101 -21.38 17.07 17.61
CA VAL D 101 -22.68 16.35 17.79
C VAL D 101 -22.58 15.44 19.03
N THR D 102 -23.69 15.10 19.65
CA THR D 102 -23.68 14.23 20.86
C THR D 102 -24.20 12.84 20.52
N ASN D 103 -23.37 11.83 20.77
CA ASN D 103 -23.70 10.41 20.57
C ASN D 103 -22.64 9.57 21.26
N TRP D 104 -22.97 8.31 21.54
CA TRP D 104 -22.07 7.34 22.22
C TRP D 104 -20.79 7.13 21.40
N GLY D 105 -20.89 7.26 20.08
CA GLY D 105 -19.75 7.16 19.16
C GLY D 105 -18.65 8.13 19.55
N ARG D 106 -18.99 9.39 19.75
CA ARG D 106 -18.01 10.45 20.06
C ARG D 106 -17.61 10.36 21.54
N ILE D 107 -18.51 9.85 22.38
CA ILE D 107 -18.24 9.70 23.84
C ILE D 107 -17.18 8.61 24.01
N VAL D 108 -17.24 7.57 23.20
CA VAL D 108 -16.27 6.42 23.26
C VAL D 108 -14.92 6.89 22.73
N THR D 109 -14.91 7.69 21.65
CA THR D 109 -13.67 8.23 21.04
C THR D 109 -12.94 9.11 22.06
N LEU D 110 -13.70 9.89 22.83
CA LEU D 110 -13.17 10.79 23.90
C LEU D 110 -12.52 9.91 24.99
N ILE D 111 -13.20 8.86 25.42
CA ILE D 111 -12.71 8.03 26.54
C ILE D 111 -11.57 7.15 26.02
N SER D 112 -11.67 6.67 24.77
CA SER D 112 -10.63 5.82 24.13
C SER D 112 -9.35 6.61 23.91
N PHE D 113 -9.45 7.86 23.47
CA PHE D 113 -8.26 8.70 23.25
C PHE D 113 -7.66 9.04 24.60
N GLY D 114 -8.51 9.20 25.62
CA GLY D 114 -8.08 9.46 27.00
C GLY D 114 -7.24 8.32 27.51
N ALA D 115 -7.64 7.08 27.18
CA ALA D 115 -6.95 5.83 27.57
C ALA D 115 -5.61 5.75 26.83
N PHE D 116 -5.63 6.08 25.55
CA PHE D 116 -4.43 6.15 24.68
C PHE D 116 -3.43 7.13 25.32
N VAL D 117 -3.93 8.28 25.76
CA VAL D 117 -3.08 9.34 26.39
C VAL D 117 -2.57 8.81 27.74
N ALA D 118 -3.40 8.10 28.50
CA ALA D 118 -3.02 7.51 29.80
C ALA D 118 -1.89 6.50 29.62
N LYS D 119 -1.94 5.68 28.57
CA LYS D 119 -0.86 4.71 28.24
C LYS D 119 0.44 5.50 28.06
N HIS D 120 0.38 6.61 27.31
CA HIS D 120 1.56 7.46 26.98
C HIS D 120 2.09 8.07 28.27
N LEU D 121 1.22 8.51 29.17
CA LEU D 121 1.63 9.10 30.47
C LEU D 121 2.44 8.06 31.27
N LYS D 122 2.02 6.79 31.28
CA LYS D 122 2.77 5.69 31.96
C LYS D 122 4.16 5.55 31.31
N THR D 123 4.24 5.47 29.97
CA THR D 123 5.53 5.18 29.28
C THR D 123 6.51 6.36 29.49
N ILE D 124 6.03 7.59 29.59
CA ILE D 124 6.90 8.80 29.81
C ILE D 124 7.03 9.04 31.32
N ASN D 125 6.57 8.08 32.12
CA ASN D 125 6.81 8.05 33.59
C ASN D 125 6.22 9.33 34.21
N GLN D 126 4.92 9.55 33.99
CA GLN D 126 4.10 10.69 34.48
C GLN D 126 2.71 10.16 34.89
N GLU D 127 2.67 9.00 35.56
CA GLU D 127 1.43 8.20 35.80
C GLU D 127 0.56 8.86 36.88
N SER D 128 1.08 9.84 37.61
CA SER D 128 0.31 10.64 38.59
C SER D 128 -0.68 11.58 37.87
N CYS D 129 -0.46 11.83 36.58
CA CYS D 129 -1.29 12.73 35.73
C CYS D 129 -2.52 12.00 35.17
N ILE D 130 -2.55 10.66 35.30
CA ILE D 130 -3.67 9.83 34.76
C ILE D 130 -4.97 10.21 35.47
N GLU D 131 -4.97 10.19 36.81
CA GLU D 131 -6.20 10.38 37.61
C GLU D 131 -6.76 11.77 37.32
N PRO D 132 -5.95 12.86 37.28
CA PRO D 132 -6.42 14.17 36.84
C PRO D 132 -6.95 14.24 35.40
N LEU D 133 -6.33 13.50 34.47
CA LEU D 133 -6.81 13.38 33.06
C LEU D 133 -8.24 12.81 33.09
N ALA D 134 -8.44 11.73 33.86
CA ALA D 134 -9.74 11.03 34.01
C ALA D 134 -10.79 11.99 34.57
N GLU D 135 -10.40 12.87 35.50
CA GLU D 135 -11.30 13.86 36.14
C GLU D 135 -11.69 14.92 35.12
N SER D 136 -10.71 15.39 34.33
CA SER D 136 -10.87 16.39 33.25
C SER D 136 -11.84 15.86 32.19
N ILE D 137 -11.69 14.59 31.80
CA ILE D 137 -12.54 13.93 30.77
C ILE D 137 -13.96 13.83 31.34
N THR D 138 -14.10 13.41 32.59
CA THR D 138 -15.43 13.24 33.24
C THR D 138 -16.08 14.60 33.42
N ASP D 139 -15.28 15.62 33.69
CA ASP D 139 -15.79 17.00 33.84
C ASP D 139 -16.40 17.42 32.49
N VAL D 140 -15.61 17.40 31.43
CA VAL D 140 -16.07 17.80 30.06
C VAL D 140 -17.30 16.96 29.70
N LEU D 141 -17.30 15.66 29.96
CA LEU D 141 -18.39 14.76 29.53
C LEU D 141 -19.67 15.12 30.27
N VAL D 142 -19.63 15.09 31.60
CA VAL D 142 -20.87 15.24 32.43
C VAL D 142 -21.33 16.71 32.40
N ARG D 143 -20.41 17.67 32.46
CA ARG D 143 -20.74 19.12 32.53
C ARG D 143 -21.33 19.60 31.19
N THR D 144 -20.94 19.05 30.04
CA THR D 144 -21.37 19.57 28.72
C THR D 144 -22.50 18.72 28.12
N LYS D 145 -22.65 17.45 28.52
CA LYS D 145 -23.64 16.53 27.88
C LYS D 145 -24.64 16.00 28.92
N ARG D 146 -24.77 16.66 30.07
CA ARG D 146 -25.61 16.22 31.21
C ARG D 146 -27.03 15.87 30.73
N ASP D 147 -27.67 16.79 30.01
CA ASP D 147 -29.09 16.67 29.59
C ASP D 147 -29.25 15.46 28.69
N TRP D 148 -28.35 15.30 27.72
CA TRP D 148 -28.34 14.16 26.76
C TRP D 148 -28.09 12.86 27.51
N LEU D 149 -27.11 12.83 28.42
CA LEU D 149 -26.76 11.62 29.20
C LEU D 149 -27.98 11.18 30.00
N VAL D 150 -28.69 12.10 30.63
CA VAL D 150 -29.90 11.79 31.45
C VAL D 150 -30.97 11.19 30.51
N LYS D 151 -31.23 11.83 29.38
CA LYS D 151 -32.25 11.40 28.38
C LYS D 151 -31.95 9.97 27.92
N GLN D 152 -30.67 9.59 27.80
CA GLN D 152 -30.25 8.26 27.30
C GLN D 152 -30.24 7.24 28.43
N ARG D 153 -30.56 7.64 29.66
CA ARG D 153 -30.51 6.76 30.88
C ARG D 153 -29.04 6.49 31.25
N GLY D 154 -28.17 7.48 31.08
CA GLY D 154 -26.74 7.44 31.45
C GLY D 154 -26.09 6.15 31.00
N TRP D 155 -25.38 5.48 31.90
CA TRP D 155 -24.50 4.33 31.56
C TRP D 155 -25.34 3.08 31.30
N ASP D 156 -26.59 3.05 31.75
CA ASP D 156 -27.54 1.96 31.39
C ASP D 156 -27.83 2.08 29.89
N GLY D 157 -27.98 3.31 29.40
CA GLY D 157 -28.21 3.61 27.97
C GLY D 157 -27.04 3.17 27.12
N PHE D 158 -25.82 3.45 27.59
CA PHE D 158 -24.53 3.14 26.93
C PHE D 158 -24.38 1.63 26.77
N VAL D 159 -24.65 0.87 27.83
CA VAL D 159 -24.46 -0.60 27.89
C VAL D 159 -25.47 -1.20 26.92
N GLU D 160 -26.71 -0.67 26.92
CA GLU D 160 -27.82 -1.15 26.07
C GLU D 160 -27.53 -0.81 24.61
N PHE D 161 -26.92 0.34 24.36
CA PHE D 161 -26.60 0.81 22.99
C PHE D 161 -25.64 -0.15 22.30
N PHE D 162 -24.65 -0.70 23.02
CA PHE D 162 -23.63 -1.62 22.44
C PHE D 162 -23.98 -3.10 22.68
N HIS D 163 -25.28 -3.42 22.75
CA HIS D 163 -25.85 -4.79 22.88
C HIS D 163 -25.28 -5.44 24.15
C1 U6N E . -8.59 13.03 4.55
C2 U6N E . -9.89 12.31 4.59
C3 U6N E . -9.83 10.99 5.30
C4 U6N E . -9.92 10.77 6.65
C5 U6N E . -9.86 9.34 6.85
C6 U6N E . -9.90 8.48 7.95
N1 U6N E . -10.05 8.95 9.20
C7 U6N E . -9.90 8.13 10.39
C8 U6N E . -10.32 8.94 11.64
C9 U6N E . -11.77 9.33 11.68
C10 U6N E . -12.75 8.37 11.89
C11 U6N E . -14.09 8.72 11.91
C12 U6N E . -14.47 10.02 11.75
C13 U6N E . -13.51 10.99 11.56
C14 U6N E . -12.17 10.66 11.52
C15 U6N E . -8.43 7.72 10.54
O1 U6N E . -8.23 6.65 11.16
O2 U6N E . -7.54 8.49 10.07
N2 U6N E . -9.81 7.14 7.73
C16 U6N E . -9.69 6.72 6.47
N3 U6N E . -9.64 7.44 5.35
C17 U6N E . -9.72 8.75 5.57
N4 U6N E . -9.73 9.75 4.63
C18 U6N E . -9.54 9.55 3.21
C19 U6N E . -10.72 9.71 2.36
C20 U6N E . -11.67 9.84 1.58
C21 U6N E . -12.77 9.95 0.61
C22 U6N E . -10.10 11.76 7.72
C23 U6N E . -11.37 12.24 8.03
C24 U6N E . -12.58 11.80 7.25
C25 U6N E . -11.50 13.16 9.07
CL1 U6N E . -13.06 13.78 9.48
C26 U6N E . -10.41 13.59 9.81
C27 U6N E . -9.17 13.10 9.50
C28 U6N E . -9.01 12.17 8.48
C1 U6N F . 5.22 2.61 -15.24
C2 U6N F . 6.69 2.66 -14.93
C3 U6N F . 7.13 1.60 -13.97
C4 U6N F . 7.57 0.34 -14.26
C5 U6N F . 7.86 -0.32 -13.01
C6 U6N F . 8.31 -1.61 -12.62
N1 U6N F . 8.60 -2.58 -13.52
C7 U6N F . 8.95 -3.93 -13.15
C8 U6N F . 9.35 -4.74 -14.38
C9 U6N F . 10.52 -4.16 -15.14
C10 U6N F . 11.80 -4.21 -14.62
C11 U6N F . 12.87 -3.65 -15.32
C12 U6N F . 12.65 -3.08 -16.55
C13 U6N F . 11.39 -3.03 -17.08
C14 U6N F . 10.33 -3.59 -16.39
C15 U6N F . 7.69 -4.63 -12.61
O1 U6N F . 7.82 -5.56 -11.76
O2 U6N F . 6.62 -4.23 -13.07
N2 U6N F . 8.48 -1.85 -11.31
C16 U6N F . 8.19 -0.87 -10.45
N3 U6N F . 7.74 0.36 -10.68
C17 U6N F . 7.59 0.61 -11.99
N4 U6N F . 7.19 1.80 -12.57
C18 U6N F . 6.73 3.01 -11.87
C19 U6N F . 7.56 4.21 -11.99
C20 U6N F . 8.27 5.22 -12.02
C21 U6N F . 9.11 6.41 -11.98
C22 U6N F . 7.64 -0.28 -15.58
C23 U6N F . 8.64 0.10 -16.48
C24 U6N F . 9.66 1.14 -16.07
C25 U6N F . 8.66 -0.50 -17.73
CL1 U6N F . 9.88 -0.06 -18.88
C26 U6N F . 7.72 -1.45 -18.10
C27 U6N F . 6.76 -1.82 -17.21
C28 U6N F . 6.70 -1.24 -15.96
C1 U6N G . 7.63 -11.07 -24.56
C2 U6N G . 8.11 -11.16 -23.15
C3 U6N G . 9.49 -10.62 -22.95
C4 U6N G . 9.84 -9.62 -22.07
C5 U6N G . 11.27 -9.44 -22.17
C6 U6N G . 12.23 -8.58 -21.57
N1 U6N G . 11.91 -7.66 -20.65
C7 U6N G . 12.92 -6.78 -20.08
C8 U6N G . 12.36 -5.89 -18.96
C9 U6N G . 11.64 -6.61 -17.84
C10 U6N G . 12.32 -6.94 -16.68
C11 U6N G . 11.69 -7.62 -15.66
C12 U6N G . 10.35 -7.94 -15.77
C13 U6N G . 9.67 -7.61 -16.91
C14 U6N G . 10.29 -6.94 -17.94
C15 U6N G . 13.38 -5.81 -21.18
O1 U6N G . 14.50 -5.28 -21.04
O2 U6N G . 12.57 -5.63 -22.12
N2 U6N G . 13.52 -8.73 -21.91
C16 U6N G . 13.81 -9.66 -22.81
N3 U6N G . 13.02 -10.52 -23.43
C17 U6N G . 11.74 -10.38 -23.10
N4 U6N G . 10.65 -11.13 -23.57
C18 U6N G . 10.76 -12.16 -24.61
C19 U6N G . 10.53 -13.51 -24.13
C20 U6N G . 10.37 -14.69 -23.73
C21 U6N G . 10.23 -16.07 -23.25
C22 U6N G . 8.89 -8.86 -21.23
C23 U6N G . 8.39 -9.43 -20.05
C24 U6N G . 8.79 -10.83 -19.64
C25 U6N G . 7.51 -8.66 -19.28
CL1 U6N G . 6.81 -9.33 -17.83
C26 U6N G . 7.14 -7.39 -19.65
C27 U6N G . 7.64 -6.86 -20.80
C28 U6N G . 8.52 -7.58 -21.59
C1 U6N H . -8.64 16.37 20.56
C2 U6N H . -8.69 14.88 20.61
C3 U6N H . -10.07 14.37 20.37
C4 U6N H . -10.55 13.85 19.20
C5 U6N H . -11.93 13.49 19.44
C6 U6N H . -12.99 12.95 18.69
N1 U6N H . -12.83 12.56 17.40
C7 U6N H . -13.92 12.25 16.50
C8 U6N H . -13.35 11.79 15.14
C9 U6N H . -12.42 10.60 15.22
C10 U6N H . -12.91 9.31 15.30
C11 U6N H . -12.06 8.22 15.37
C12 U6N H . -10.70 8.40 15.35
C13 U6N H . -10.19 9.66 15.26
C14 U6N H . -11.03 10.76 15.18
C15 U6N H . -14.75 13.53 16.22
O1 U6N H . -15.93 13.36 15.81
O2 U6N H . -14.17 14.62 16.40
N2 U6N H . -14.18 12.76 19.30
C16 U6N H . -14.30 13.13 20.58
N3 U6N H . -13.40 13.66 21.39
C17 U6N H . -12.21 13.83 20.78
N4 U6N H . -11.08 14.35 21.35
C18 U6N H . -10.97 14.88 22.71
C19 U6N H . -10.28 14.03 23.67
C20 U6N H . -9.70 13.32 24.53
C21 U6N H . -9.07 12.51 25.56
C22 U6N H . -9.76 13.66 17.97
C23 U6N H . -8.88 12.57 17.87
C24 U6N H . -8.79 11.57 18.99
C25 U6N H . -8.15 12.44 16.69
CL1 U6N H . -7.05 11.10 16.49
C26 U6N H . -8.25 13.33 15.65
C27 U6N H . -9.10 14.39 15.77
C28 U6N H . -9.84 14.57 16.92
#